data_9QRL
#
_entry.id   9QRL
#
_cell.length_a   1.00
_cell.length_b   1.00
_cell.length_c   1.00
_cell.angle_alpha   90.00
_cell.angle_beta   90.00
_cell.angle_gamma   90.00
#
_symmetry.space_group_name_H-M   'P 1'
#
loop_
_entity.id
_entity.type
_entity.pdbx_description
1 polymer 'DNA polymerase III PolC-type'
2 polymer "DNA (5'-D(P*TP*AP*A)-3')"
3 polymer "DNA (5'-D(P*GP*GP*TP*GP*CP*GP*CP*AP*T)-3')"
4 polymer "DNA (5'-D(P*CP*CP*AP*TP*GP*CP*GP*CP*AP*CP*C)-3')"
5 non-polymer 'ZINC ION'
6 non-polymer 'MAGNESIUM ION'
7 non-polymer Ibezapolstat
8 water water
#
loop_
_entity_poly.entity_id
_entity_poly.type
_entity_poly.pdbx_seq_one_letter_code
_entity_poly.pdbx_strand_id
1 'polypeptide(L)'
;MGSSHHHHHHSSGLVPRGSHMHMSEKRDLFEKLLEQIQLEEAEKNHPLLTAGEMDSVVVHRKSRLWEFTLHFSKILPIML
YRSLTQHLTIAFKDIAQVKLNILADDQTFDEQLLQDYWAQALENQQCDTPLAQQVLKTQVPVIKDRKVILPIDSTGAISY
LKQQYLPLVEELFVSYGFPKFRIEPEVDEQQAERVLKLFEERKQEQAEAFMKQAAESLVVHEQKKKERKEQSPALEGPIH
IQLGRNIPADEPTTPMISIVEEERRVTLEGYVFDKEVRELRSKRKILTLKITDYTSSFIVKKFSNGEKDEQVFDAISVGS
WLKVRGSIQEDTFVRDLVMNAQDIIEVKHTPRKDYAPEGEKRVELHVHSNMSTMDATNSISDLVAQAGKWGHRAIAITDH
GGAQAFPEAHSAGKKAGVKILYGVEANVVDDGVPIAYNDAHEALSEATYVVFAVATTGLSAVYDTIIELAAVKMYKGNVI
ESFDEFIDPGHPLSRTTVDLTGITDGMVRGSKSEEEVLRMFLEFSKDTILVAHNAAFDMGFLNTSYARYGIPEAANPVID
TLELARYLYPQFKRFGLGVLSKKFGVSLEQHHRAIYDAEATGHLAWIFVKEAMDNHNMLYHDQLNEHIGEGDSYKRARPF
HVTILAKNQAGLKDLFKLISMSNVEYFERVPRIPRSQLKKMRENLLIGSACDKGEIFEAMMQKGVEEARNRAKFYDYIEV
MPKAVYAPLIEQELVKNEHDLEEIIQNLVEIGKSLDKIVVATGNVHYLNEEDAIYRKILINSMGGANPLNRHSLPDVHFR
TTDEMLTAFHFLGEETAKEIVVENTNKIADICEEVIPVKDELYTPKIPGSEDEISELSYTKAKQMYGDPLPEIIQKRLKK
ELNSINGNGFSVIYLIAQKLVHKSNEDGYLVGSRGSVGSSFVATMTGITEVNPLAPHYYCPECQYSEFFEDGTYGSGFDM
PEKQCPKCGARLNKDGHDIPFETFLGFHGDKVPDIDLNFSGDYQAEAHNYTKVLFGEDYVYRAGTIGTVADKTAYGYVKG
YERDNNLQFRSAEVDRLAKGATGVKRTTGQHPGGIIVIPDYMDVYDFTPIQYPADDQNSEWKTTHFDFHSIHDNVLKLDI
LGHDDPTVIRMLQDLSGIDPQTIPTDDPEVMRIFAGPEVLGVSQEQIYSKTGTLGIPEFGTRFVRGMLEETHPTTFAELL
QISGLSHGTDVWLGNAEELIRRGDATLAEVIGCRDDIMVYLIHAGLDSGMAFKIMETVRKGQWNKIPDELRETYLSAMKE
NNVPDWYIDSCSKIKYMFPKAHAAAYVLMALRVAYFKVYFPILYYCAYFSVRADDFDLVSMCKGKDAVKQAMKEITDKGL
DASVKEKNQLTVLELANEMLERGFKFGMIDLYKSDAVNFVIEGDTLIAPFRAVPSLGTNVAKQIVEARKDGPFLSKEDLA
TRGKVSKTLIEYMNDNGVLKDLPDENQLSLFDML
;
A
2 'polydeoxyribonucleotide' (DT)(DA)(DA) E
3 'polydeoxyribonucleotide'
;(DT)(DA)(DG)(DG)(DA)(DC)(DG)(DA)(DA)(DG)(DG)(DA)(DC)(DT)(DC)(DC)(DC)(DA)(DA)(DC)
(DT)(DT)(DT)(DA)(DG)(DG)(DT)(DG)(DC)(DG)(DC)(DA)(DT)
;
P
4 'polydeoxyribonucleotide'
;(DC)(DC)(DC)(DC)(DC)(DC)(DC)(DC)(DC)(DA)(DT)(DG)(DC)(DG)(DC)(DA)(DC)(DC)(DT)(DA)
(DA)(DA)(DG)(DT)(DT)(DG)(DG)(DG)(DA)(DG)(DT)(DC)(DC)(DT)(DT)(DC)(DG)(DT)(DC)(DC)
(DT)(DA)
;
T
#
# COMPACT_ATOMS: atom_id res chain seq x y z
N TYR A 271 18.04 -25.87 13.82
CA TYR A 271 17.00 -25.90 12.75
C TYR A 271 17.52 -25.11 11.55
N VAL A 272 17.34 -25.64 10.33
CA VAL A 272 17.89 -24.97 9.12
C VAL A 272 16.90 -23.89 8.67
N PHE A 273 17.27 -22.63 8.81
CA PHE A 273 16.35 -21.53 8.46
C PHE A 273 16.80 -20.85 7.16
N ASP A 274 17.72 -21.45 6.42
CA ASP A 274 18.16 -20.88 5.13
C ASP A 274 19.15 -21.81 4.42
N LYS A 290 22.28 -21.85 7.08
CA LYS A 290 22.12 -21.03 8.30
C LYS A 290 21.25 -21.89 9.21
N ILE A 291 21.77 -22.29 10.37
CA ILE A 291 21.02 -23.20 11.28
C ILE A 291 20.86 -22.53 12.64
N THR A 292 19.74 -22.75 13.33
CA THR A 292 19.49 -22.04 14.61
C THR A 292 19.02 -22.98 15.69
N ASP A 293 19.35 -22.67 16.94
CA ASP A 293 18.94 -23.49 18.10
C ASP A 293 18.03 -22.61 18.95
N TYR A 294 17.62 -21.48 18.40
CA TYR A 294 16.72 -20.55 19.11
C TYR A 294 17.51 -19.88 20.23
N THR A 295 18.77 -20.30 20.41
CA THR A 295 19.65 -19.64 21.39
C THR A 295 20.56 -18.70 20.60
N SER A 296 21.12 -19.18 19.50
CA SER A 296 21.93 -18.30 18.59
C SER A 296 22.01 -19.01 17.25
N SER A 297 22.50 -18.32 16.23
CA SER A 297 22.49 -18.92 14.88
C SER A 297 23.91 -19.00 14.34
N PHE A 298 24.28 -20.16 13.80
CA PHE A 298 25.62 -20.29 13.20
C PHE A 298 25.48 -20.67 11.74
N ILE A 299 26.59 -20.74 11.04
CA ILE A 299 26.61 -21.08 9.58
C ILE A 299 27.40 -22.38 9.35
N VAL A 300 26.75 -23.45 8.89
CA VAL A 300 27.41 -24.71 8.56
C VAL A 300 27.94 -24.60 7.14
N HIS A 349 12.33 -34.14 14.74
CA HIS A 349 11.84 -33.36 15.86
C HIS A 349 10.33 -33.45 15.90
N THR A 350 9.79 -33.82 17.05
CA THR A 350 8.35 -33.88 17.19
C THR A 350 7.78 -32.47 17.28
N PRO A 351 6.81 -32.12 16.46
CA PRO A 351 6.19 -30.79 16.57
C PRO A 351 5.26 -30.74 17.78
N ARG A 352 4.87 -29.53 18.12
CA ARG A 352 3.86 -29.35 19.16
C ARG A 352 2.59 -30.09 18.78
N LYS A 353 2.02 -30.81 19.73
CA LYS A 353 0.81 -31.59 19.49
C LYS A 353 -0.29 -31.14 20.45
N ASP A 354 -1.53 -31.30 20.00
CA ASP A 354 -2.71 -31.10 20.84
C ASP A 354 -3.12 -32.46 21.37
N TYR A 355 -2.88 -32.69 22.66
CA TYR A 355 -3.10 -33.99 23.26
C TYR A 355 -4.54 -34.24 23.68
N ALA A 356 -5.42 -33.26 23.52
CA ALA A 356 -6.81 -33.44 23.90
C ALA A 356 -7.48 -34.46 22.98
N PRO A 357 -8.59 -35.04 23.42
CA PRO A 357 -9.32 -35.97 22.57
C PRO A 357 -9.83 -35.29 21.32
N GLU A 358 -10.18 -36.10 20.31
CA GLU A 358 -10.53 -35.55 19.01
C GLU A 358 -11.74 -34.64 19.08
N GLY A 359 -12.78 -35.05 19.81
CA GLY A 359 -13.98 -34.24 19.91
C GLY A 359 -13.88 -33.09 20.88
N GLU A 360 -12.88 -33.10 21.77
CA GLU A 360 -12.75 -32.11 22.83
C GLU A 360 -11.66 -31.10 22.53
N LYS A 361 -11.53 -30.67 21.29
CA LYS A 361 -10.56 -29.65 20.92
C LYS A 361 -11.15 -28.26 21.09
N ARG A 362 -10.29 -27.31 21.42
CA ARG A 362 -10.69 -25.91 21.58
C ARG A 362 -10.80 -25.24 20.21
N VAL A 363 -11.44 -24.08 20.21
CA VAL A 363 -11.44 -23.18 19.06
C VAL A 363 -10.77 -21.89 19.52
N GLU A 364 -9.72 -21.49 18.83
CA GLU A 364 -9.03 -20.25 19.16
C GLU A 364 -9.76 -19.08 18.51
N LEU A 365 -10.30 -18.18 19.32
CA LEU A 365 -11.17 -17.12 18.84
C LEU A 365 -10.50 -15.75 18.82
N HIS A 366 -9.22 -15.65 19.21
CA HIS A 366 -8.50 -14.38 19.24
C HIS A 366 -7.14 -14.64 18.60
N VAL A 367 -7.02 -14.40 17.30
CA VAL A 367 -5.80 -14.66 16.55
C VAL A 367 -5.38 -13.39 15.84
N HIS A 368 -4.12 -13.01 16.02
CA HIS A 368 -3.52 -11.87 15.36
C HIS A 368 -2.48 -12.34 14.37
N SER A 369 -2.59 -11.91 13.13
CA SER A 369 -1.66 -12.29 12.08
C SER A 369 -0.70 -11.13 11.80
N ASN A 370 0.23 -11.36 10.88
CA ASN A 370 1.17 -10.31 10.50
C ASN A 370 0.49 -9.14 9.82
N MET A 371 -0.82 -9.19 9.63
CA MET A 371 -1.56 -8.05 9.11
C MET A 371 -2.01 -7.09 10.20
N SER A 372 -1.78 -7.43 11.47
CA SER A 372 -1.87 -6.45 12.55
C SER A 372 -0.58 -5.64 12.54
N THR A 373 -0.69 -4.36 12.18
CA THR A 373 0.48 -3.55 11.90
C THR A 373 1.50 -3.57 13.02
N MET A 374 2.67 -4.18 12.77
CA MET A 374 3.80 -4.17 13.69
C MET A 374 3.44 -4.75 15.06
N ASP A 375 2.48 -5.66 15.10
CA ASP A 375 2.08 -6.29 16.36
C ASP A 375 2.28 -7.79 16.35
N ALA A 376 1.86 -8.49 15.31
CA ALA A 376 1.99 -9.93 15.20
C ALA A 376 2.90 -10.27 14.03
N THR A 377 3.50 -11.46 14.08
CA THR A 377 4.57 -11.82 13.18
C THR A 377 4.30 -13.03 12.30
N ASN A 378 3.26 -13.81 12.59
CA ASN A 378 3.00 -15.03 11.84
C ASN A 378 1.88 -14.79 10.83
N SER A 379 2.06 -15.34 9.64
CA SER A 379 1.01 -15.27 8.62
C SER A 379 -0.19 -16.09 9.04
N ILE A 380 -1.38 -15.61 8.67
CA ILE A 380 -2.59 -16.34 9.01
C ILE A 380 -2.55 -17.74 8.42
N SER A 381 -1.83 -17.92 7.31
CA SER A 381 -1.76 -19.23 6.68
C SER A 381 -1.14 -20.26 7.61
N ASP A 382 -0.02 -19.92 8.24
CA ASP A 382 0.63 -20.91 9.11
C ASP A 382 -0.13 -21.12 10.40
N LEU A 383 -0.79 -20.08 10.92
CA LEU A 383 -1.65 -20.29 12.08
C LEU A 383 -2.81 -21.22 11.76
N VAL A 384 -3.42 -21.04 10.60
CA VAL A 384 -4.53 -21.91 10.20
C VAL A 384 -4.03 -23.32 9.94
N ALA A 385 -2.83 -23.46 9.38
CA ALA A 385 -2.25 -24.78 9.20
C ALA A 385 -1.98 -25.46 10.53
N GLN A 386 -1.47 -24.71 11.51
CA GLN A 386 -1.24 -25.27 12.84
C GLN A 386 -2.55 -25.72 13.48
N ALA A 387 -3.59 -24.89 13.36
CA ALA A 387 -4.89 -25.29 13.89
C ALA A 387 -5.40 -26.55 13.20
N GLY A 388 -5.19 -26.65 11.88
CA GLY A 388 -5.62 -27.85 11.16
C GLY A 388 -4.88 -29.09 11.61
N LYS A 389 -3.56 -28.98 11.79
CA LYS A 389 -2.79 -30.12 12.27
C LYS A 389 -3.21 -30.54 13.67
N TRP A 390 -3.46 -29.55 14.55
CA TRP A 390 -3.86 -29.86 15.91
C TRP A 390 -5.25 -30.44 16.02
N GLY A 391 -6.03 -30.43 14.95
CA GLY A 391 -7.37 -30.98 14.95
C GLY A 391 -8.48 -30.00 15.26
N HIS A 392 -8.16 -28.72 15.45
CA HIS A 392 -9.18 -27.73 15.77
C HIS A 392 -10.18 -27.62 14.64
N ARG A 393 -11.47 -27.53 15.01
CA ARG A 393 -12.54 -27.48 13.98
C ARG A 393 -12.62 -26.09 13.34
N ALA A 394 -12.19 -25.05 14.05
CA ALA A 394 -12.32 -23.70 13.53
C ALA A 394 -11.26 -22.82 14.18
N ILE A 395 -11.06 -21.65 13.58
CA ILE A 395 -10.15 -20.64 14.11
C ILE A 395 -10.65 -19.28 13.66
N ALA A 396 -10.37 -18.26 14.46
CA ALA A 396 -10.81 -16.90 14.17
C ALA A 396 -9.61 -16.06 13.77
N ILE A 397 -9.81 -15.18 12.79
CA ILE A 397 -8.81 -14.21 12.38
C ILE A 397 -9.36 -12.84 12.77
N THR A 398 -8.88 -12.31 13.89
CA THR A 398 -9.30 -11.00 14.38
C THR A 398 -8.06 -10.15 14.51
N ASP A 399 -7.78 -9.34 13.48
CA ASP A 399 -6.63 -8.45 13.51
C ASP A 399 -7.03 -7.09 14.09
N HIS A 400 -6.02 -6.29 14.40
CA HIS A 400 -6.23 -5.00 15.06
C HIS A 400 -6.76 -4.00 14.04
N GLY A 401 -8.09 -3.92 13.93
CA GLY A 401 -8.73 -2.89 13.16
C GLY A 401 -8.86 -3.13 11.67
N GLY A 402 -8.43 -4.29 11.17
CA GLY A 402 -8.50 -4.55 9.75
C GLY A 402 -8.89 -5.98 9.48
N ALA A 403 -9.22 -6.24 8.21
CA ALA A 403 -9.57 -7.57 7.73
C ALA A 403 -8.67 -8.00 6.59
N GLN A 404 -7.47 -7.43 6.51
CA GLN A 404 -6.61 -7.64 5.35
C GLN A 404 -6.08 -9.05 5.23
N ALA A 405 -6.23 -9.89 6.25
CA ALA A 405 -5.85 -11.28 6.19
C ALA A 405 -6.99 -12.20 5.81
N PHE A 406 -8.14 -11.64 5.45
CA PHE A 406 -9.31 -12.47 5.15
C PHE A 406 -9.12 -13.36 3.94
N PRO A 407 -8.62 -12.87 2.80
CA PRO A 407 -8.45 -13.78 1.64
C PRO A 407 -7.45 -14.89 1.89
N GLU A 408 -6.30 -14.56 2.47
CA GLU A 408 -5.31 -15.58 2.79
C GLU A 408 -5.86 -16.56 3.82
N ALA A 409 -6.64 -16.06 4.78
CA ALA A 409 -7.27 -16.94 5.75
C ALA A 409 -8.26 -17.89 5.08
N HIS A 410 -9.01 -17.38 4.10
CA HIS A 410 -9.94 -18.23 3.37
C HIS A 410 -9.20 -19.35 2.65
N SER A 411 -8.14 -18.99 1.94
CA SER A 411 -7.36 -20.01 1.22
C SER A 411 -6.79 -21.04 2.19
N ALA A 412 -6.22 -20.57 3.31
CA ALA A 412 -5.60 -21.48 4.27
C ALA A 412 -6.64 -22.39 4.92
N GLY A 413 -7.81 -21.84 5.25
CA GLY A 413 -8.86 -22.66 5.83
C GLY A 413 -9.38 -23.69 4.87
N LYS A 414 -9.39 -23.39 3.58
CA LYS A 414 -9.84 -24.39 2.58
C LYS A 414 -8.75 -25.45 2.38
N LYS A 415 -7.48 -25.08 2.48
CA LYS A 415 -6.42 -26.08 2.34
C LYS A 415 -6.37 -26.99 3.56
N ALA A 416 -6.54 -26.44 4.76
CA ALA A 416 -6.36 -27.20 5.99
C ALA A 416 -7.63 -27.89 6.47
N GLY A 417 -8.77 -27.66 5.81
CA GLY A 417 -10.01 -28.21 6.31
C GLY A 417 -10.43 -27.66 7.66
N VAL A 418 -10.20 -26.36 7.88
CA VAL A 418 -10.47 -25.71 9.15
C VAL A 418 -11.44 -24.56 8.90
N LYS A 419 -12.51 -24.48 9.68
CA LYS A 419 -13.51 -23.41 9.51
C LYS A 419 -12.94 -22.10 10.01
N ILE A 420 -13.11 -21.05 9.24
CA ILE A 420 -12.58 -19.73 9.55
C ILE A 420 -13.72 -18.84 9.99
N LEU A 421 -13.56 -18.20 11.15
CA LEU A 421 -14.48 -17.19 11.64
C LEU A 421 -13.83 -15.84 11.44
N TYR A 422 -14.51 -14.95 10.72
CA TYR A 422 -13.91 -13.71 10.27
C TYR A 422 -14.29 -12.60 11.23
N GLY A 423 -13.28 -12.07 11.94
CA GLY A 423 -13.52 -11.04 12.93
C GLY A 423 -12.43 -9.99 12.89
N VAL A 424 -12.58 -9.03 13.78
CA VAL A 424 -11.65 -7.91 13.91
C VAL A 424 -11.56 -7.55 15.38
N GLU A 425 -10.39 -7.06 15.77
CA GLU A 425 -10.19 -6.45 17.08
C GLU A 425 -10.31 -4.95 16.87
N ALA A 426 -11.52 -4.44 17.07
CA ALA A 426 -11.81 -3.04 16.84
C ALA A 426 -11.53 -2.20 18.09
N ASN A 427 -11.19 -0.94 17.87
CA ASN A 427 -11.11 0.05 18.93
C ASN A 427 -12.43 0.79 18.94
N VAL A 428 -13.25 0.51 19.94
CA VAL A 428 -14.57 1.11 20.05
C VAL A 428 -14.49 2.26 21.04
N VAL A 429 -15.14 3.36 20.70
CA VAL A 429 -15.22 4.54 21.55
C VAL A 429 -16.66 4.72 21.99
N ASP A 430 -16.87 4.93 23.29
CA ASP A 430 -18.21 5.16 23.79
C ASP A 430 -18.78 6.43 23.18
N ASP A 431 -19.82 6.27 22.34
CA ASP A 431 -20.37 7.40 21.61
C ASP A 431 -20.81 8.52 22.56
N GLY A 432 -21.59 8.17 23.58
CA GLY A 432 -22.02 9.17 24.54
C GLY A 432 -21.51 8.92 25.94
N VAL A 433 -20.59 9.75 26.38
CA VAL A 433 -20.09 9.75 27.75
C VAL A 433 -20.62 11.01 28.43
N PRO A 434 -21.49 10.90 29.43
CA PRO A 434 -22.13 12.08 29.99
C PRO A 434 -21.15 12.98 30.72
N ILE A 435 -21.46 14.27 30.72
CA ILE A 435 -20.73 15.22 31.55
C ILE A 435 -21.31 15.25 32.97
N ALA A 436 -22.64 15.29 33.06
CA ALA A 436 -23.33 15.27 34.34
C ALA A 436 -23.85 13.88 34.61
N TYR A 437 -23.70 13.42 35.86
CA TYR A 437 -24.02 12.04 36.22
C TYR A 437 -25.40 11.91 36.86
N ASN A 438 -25.64 12.65 37.95
CA ASN A 438 -26.94 12.63 38.62
C ASN A 438 -27.73 13.83 38.10
N ASP A 439 -28.45 13.61 37.01
CA ASP A 439 -29.16 14.70 36.35
C ASP A 439 -30.11 15.37 37.33
N THR A 448 -23.86 25.43 44.65
CA THR A 448 -22.63 25.29 45.48
C THR A 448 -21.89 24.05 45.00
N TYR A 449 -20.58 24.18 44.76
CA TYR A 449 -19.80 23.07 44.20
C TYR A 449 -18.79 22.57 45.22
N VAL A 450 -18.75 21.28 45.48
CA VAL A 450 -17.72 20.71 46.39
C VAL A 450 -16.67 20.05 45.51
N VAL A 451 -15.85 20.84 44.85
CA VAL A 451 -14.84 20.27 43.95
C VAL A 451 -13.89 19.44 44.79
N PHE A 452 -13.92 18.12 44.62
CA PHE A 452 -13.18 17.23 45.50
C PHE A 452 -12.15 16.42 44.70
N ALA A 453 -11.30 15.72 45.43
CA ALA A 453 -10.26 14.90 44.84
C ALA A 453 -9.79 13.88 45.87
N VAL A 454 -9.28 12.74 45.40
CA VAL A 454 -8.97 11.66 46.38
C VAL A 454 -7.63 11.00 46.04
N ALA A 455 -6.50 11.47 46.52
CA ALA A 455 -5.22 10.75 46.35
C ALA A 455 -5.45 9.35 46.91
N THR A 456 -4.91 8.31 46.28
CA THR A 456 -5.23 6.93 46.71
C THR A 456 -4.01 6.02 46.58
N THR A 457 -4.23 4.71 46.69
CA THR A 457 -3.11 3.73 46.62
C THR A 457 -3.14 2.98 45.29
N GLY A 458 -3.55 3.64 44.31
CA GLY A 458 -3.52 3.01 42.99
C GLY A 458 -4.66 3.47 42.10
N LEU A 459 -5.07 2.63 41.14
CA LEU A 459 -6.18 2.99 40.28
C LEU A 459 -7.39 2.07 40.42
N SER A 460 -7.26 0.94 41.10
CA SER A 460 -8.35 -0.03 41.19
C SER A 460 -9.17 0.26 42.44
N ALA A 461 -10.34 0.87 42.26
CA ALA A 461 -11.23 1.12 43.39
C ALA A 461 -11.59 -0.17 44.10
N VAL A 462 -11.58 -1.29 43.37
CA VAL A 462 -11.88 -2.58 44.00
C VAL A 462 -10.74 -3.01 44.91
N TYR A 463 -9.49 -2.88 44.44
CA TYR A 463 -8.37 -3.54 45.08
C TYR A 463 -7.41 -2.59 45.78
N ASP A 464 -7.64 -1.35 45.86
CA ASP A 464 -6.90 -0.41 46.68
C ASP A 464 -7.90 0.59 47.26
N THR A 465 -7.37 1.63 47.93
CA THR A 465 -8.31 2.54 48.66
C THR A 465 -7.80 3.97 48.85
N ILE A 466 -8.64 4.85 49.40
CA ILE A 466 -8.29 6.29 49.57
C ILE A 466 -7.26 6.50 50.67
N ILE A 467 -6.32 7.43 50.47
CA ILE A 467 -5.34 7.78 51.54
C ILE A 467 -5.53 9.26 51.89
N GLU A 468 -6.23 10.01 51.04
CA GLU A 468 -6.47 11.46 51.28
C GLU A 468 -7.81 11.83 50.64
N LEU A 469 -8.54 12.79 51.23
CA LEU A 469 -9.90 13.13 50.70
C LEU A 469 -10.06 14.64 50.73
N ALA A 470 -9.56 15.33 49.72
CA ALA A 470 -9.56 16.78 49.70
C ALA A 470 -10.81 17.28 48.99
N ALA A 471 -11.23 18.49 49.34
CA ALA A 471 -12.38 19.10 48.69
C ALA A 471 -12.43 20.57 49.04
N VAL A 472 -12.96 21.37 48.12
CA VAL A 472 -13.17 22.79 48.34
C VAL A 472 -14.59 23.12 47.95
N LYS A 473 -15.32 23.68 48.91
CA LYS A 473 -16.70 24.13 48.65
C LYS A 473 -16.57 25.52 48.04
N MET A 474 -17.05 25.69 46.83
CA MET A 474 -16.86 26.97 46.13
C MET A 474 -18.23 27.55 45.81
N SER A 482 -13.24 24.53 53.03
CA SER A 482 -12.27 23.54 52.60
C SER A 482 -12.27 22.36 53.56
N PHE A 483 -12.23 21.15 53.00
CA PHE A 483 -12.26 19.91 53.78
C PHE A 483 -11.11 19.04 53.29
N ASP A 484 -10.05 18.94 54.08
CA ASP A 484 -8.89 18.12 53.76
C ASP A 484 -8.63 17.15 54.89
N GLU A 485 -8.43 15.88 54.55
CA GLU A 485 -8.21 14.85 55.54
C GLU A 485 -7.28 13.78 54.99
N PHE A 486 -6.57 13.12 55.89
CA PHE A 486 -5.69 12.01 55.56
C PHE A 486 -6.34 10.71 56.03
N ILE A 487 -6.34 9.70 55.18
CA ILE A 487 -6.78 8.36 55.56
C ILE A 487 -5.57 7.43 55.50
N ASP A 488 -5.43 6.59 56.53
CA ASP A 488 -4.25 5.75 56.64
C ASP A 488 -4.59 4.33 56.21
N PRO A 489 -4.02 3.83 55.11
CA PRO A 489 -4.11 2.41 54.83
C PRO A 489 -3.23 1.63 55.79
N GLY A 490 -3.67 0.43 56.15
CA GLY A 490 -2.90 -0.39 57.05
C GLY A 490 -1.50 -0.67 56.54
N HIS A 491 -1.38 -0.94 55.23
CA HIS A 491 -0.09 -1.22 54.63
C HIS A 491 0.74 0.05 54.47
N PRO A 492 2.06 -0.04 54.58
CA PRO A 492 2.90 1.12 54.30
C PRO A 492 2.78 1.54 52.84
N LEU A 493 2.84 2.84 52.60
CA LEU A 493 2.68 3.36 51.24
C LEU A 493 3.85 2.90 50.38
N SER A 494 3.52 2.34 49.23
CA SER A 494 4.55 1.91 48.29
C SER A 494 5.30 3.12 47.73
N ARG A 495 6.57 2.91 47.41
CA ARG A 495 7.40 4.01 46.92
C ARG A 495 6.77 4.66 45.71
N THR A 496 5.97 3.90 44.96
CA THR A 496 5.26 4.49 43.80
C THR A 496 4.33 5.59 44.30
N THR A 497 3.50 5.26 45.29
CA THR A 497 2.53 6.23 45.85
C THR A 497 3.28 7.39 46.49
N VAL A 498 4.30 7.09 47.30
CA VAL A 498 5.07 8.13 48.02
C VAL A 498 5.58 9.14 47.00
N ASP A 499 5.78 8.71 45.76
CA ASP A 499 6.36 9.64 44.76
C ASP A 499 5.23 10.24 43.92
N LEU A 500 4.38 9.40 43.34
CA LEU A 500 3.24 9.92 42.56
C LEU A 500 2.53 10.93 43.44
N THR A 501 2.14 10.52 44.65
CA THR A 501 1.46 11.44 45.60
C THR A 501 2.46 11.84 46.68
N GLY A 502 2.51 13.12 47.05
CA GLY A 502 3.51 13.55 48.03
C GLY A 502 3.05 13.15 49.41
N ILE A 503 2.86 11.85 49.63
CA ILE A 503 2.33 11.38 50.95
C ILE A 503 3.19 10.22 51.43
N THR A 504 3.76 10.35 52.61
CA THR A 504 4.57 9.29 53.22
C THR A 504 3.77 8.60 54.32
N ASP A 505 4.30 7.48 54.79
CA ASP A 505 3.61 6.73 55.84
C ASP A 505 3.47 7.57 57.11
N LYS A 512 -7.78 10.03 61.22
CA LYS A 512 -9.10 9.51 61.64
C LYS A 512 -9.47 8.30 60.80
N SER A 513 -10.33 7.43 61.32
CA SER A 513 -10.77 6.22 60.57
C SER A 513 -11.61 6.67 59.37
N GLU A 514 -11.65 5.85 58.31
CA GLU A 514 -12.38 6.32 57.12
C GLU A 514 -13.83 6.55 57.49
N GLU A 515 -14.45 5.59 58.17
CA GLU A 515 -15.89 5.76 58.44
C GLU A 515 -16.11 7.21 58.87
N GLU A 516 -15.15 7.75 59.60
CA GLU A 516 -15.34 9.10 60.13
C GLU A 516 -15.06 10.15 59.06
N VAL A 517 -13.98 9.98 58.29
CA VAL A 517 -13.68 10.94 57.23
C VAL A 517 -14.77 10.91 56.16
N LEU A 518 -15.29 9.72 55.86
CA LEU A 518 -16.37 9.62 54.88
C LEU A 518 -17.62 10.34 55.37
N ARG A 519 -17.96 10.17 56.66
CA ARG A 519 -19.10 10.90 57.21
C ARG A 519 -18.87 12.41 57.18
N MET A 520 -17.64 12.83 57.49
CA MET A 520 -17.32 14.25 57.44
C MET A 520 -17.50 14.81 56.03
N PHE A 521 -17.05 14.08 55.01
CA PHE A 521 -17.23 14.56 53.65
C PHE A 521 -18.68 14.47 53.20
N LEU A 522 -19.42 13.48 53.69
CA LEU A 522 -20.84 13.39 53.37
C LEU A 522 -21.60 14.58 53.92
N GLU A 523 -21.30 14.99 55.15
CA GLU A 523 -21.93 16.19 55.69
C GLU A 523 -21.43 17.44 54.98
N PHE A 524 -20.12 17.51 54.72
CA PHE A 524 -19.56 18.64 53.99
C PHE A 524 -20.13 18.72 52.59
N ILE A 529 -23.11 20.32 44.33
CA ILE A 529 -22.85 19.60 43.05
C ILE A 529 -21.41 19.11 43.07
N LEU A 530 -21.18 17.82 43.28
CA LEU A 530 -19.84 17.26 43.33
C LEU A 530 -19.13 17.52 42.02
N VAL A 531 -17.82 17.76 42.10
CA VAL A 531 -17.02 18.11 40.93
C VAL A 531 -15.70 17.38 41.01
N ALA A 532 -15.27 16.82 39.88
CA ALA A 532 -13.98 16.12 39.86
C ALA A 532 -13.43 16.08 38.45
N HIS A 533 -12.11 15.98 38.35
CA HIS A 533 -11.44 15.72 37.08
C HIS A 533 -11.32 14.21 36.92
N ASN A 534 -11.85 13.69 35.81
CA ASN A 534 -12.14 12.26 35.69
C ASN A 534 -13.08 11.83 36.80
N ALA A 535 -14.23 12.51 36.83
CA ALA A 535 -15.17 12.33 37.93
C ALA A 535 -15.64 10.89 38.07
N ALA A 536 -15.54 10.09 37.01
CA ALA A 536 -15.85 8.67 37.14
C ALA A 536 -14.89 8.01 38.11
N PHE A 537 -13.60 8.29 37.99
CA PHE A 537 -12.59 7.65 38.86
C PHE A 537 -12.81 8.06 40.32
N ASP A 538 -12.90 9.36 40.60
CA ASP A 538 -13.06 9.82 41.97
C ASP A 538 -14.41 9.40 42.54
N MET A 539 -15.47 9.50 41.74
CA MET A 539 -16.79 9.09 42.21
C MET A 539 -16.83 7.61 42.52
N GLY A 540 -16.18 6.78 41.69
CA GLY A 540 -16.13 5.36 41.98
C GLY A 540 -15.39 5.07 43.27
N PHE A 541 -14.27 5.77 43.49
CA PHE A 541 -13.48 5.56 44.72
C PHE A 541 -14.33 5.98 45.93
N LEU A 542 -14.99 7.12 45.83
CA LEU A 542 -15.80 7.63 46.94
C LEU A 542 -16.98 6.71 47.22
N ASN A 543 -17.64 6.22 46.17
CA ASN A 543 -18.81 5.37 46.36
C ASN A 543 -18.43 4.00 46.91
N THR A 544 -17.31 3.44 46.45
CA THR A 544 -16.86 2.18 47.02
C THR A 544 -16.51 2.34 48.49
N SER A 545 -15.85 3.44 48.85
CA SER A 545 -15.56 3.69 50.25
C SER A 545 -16.84 3.85 51.05
N TYR A 546 -17.82 4.58 50.52
CA TYR A 546 -19.11 4.71 51.17
C TYR A 546 -19.72 3.34 51.43
N ALA A 547 -19.83 2.52 50.38
CA ALA A 547 -20.43 1.20 50.51
C ALA A 547 -19.66 0.30 51.46
N ARG A 548 -18.36 0.56 51.65
CA ARG A 548 -17.58 -0.24 52.59
C ARG A 548 -18.10 -0.11 54.01
N TYR A 549 -18.81 0.98 54.32
CA TYR A 549 -19.39 1.18 55.64
C TYR A 549 -20.90 1.39 55.58
N GLY A 550 -21.57 0.84 54.57
CA GLY A 550 -23.01 0.89 54.50
C GLY A 550 -23.56 2.30 54.47
N ILE A 551 -22.72 3.25 54.10
CA ILE A 551 -23.10 4.66 54.01
C ILE A 551 -23.91 4.85 52.74
N PRO A 552 -24.84 5.81 52.68
CA PRO A 552 -25.60 6.01 51.45
C PRO A 552 -24.68 6.37 50.29
N GLU A 553 -25.10 5.99 49.09
CA GLU A 553 -24.26 6.24 47.92
C GLU A 553 -24.01 7.73 47.69
N ALA A 554 -24.84 8.60 48.27
CA ALA A 554 -24.69 10.04 48.11
C ALA A 554 -24.71 10.42 46.63
N ALA A 555 -25.89 10.24 46.02
CA ALA A 555 -26.08 10.49 44.60
C ALA A 555 -26.61 11.91 44.35
N ASN A 556 -25.81 12.88 44.75
CA ASN A 556 -26.09 14.24 44.33
C ASN A 556 -25.51 14.49 42.95
N PRO A 557 -25.92 15.57 42.30
CA PRO A 557 -25.43 15.83 40.93
C PRO A 557 -23.91 15.91 40.92
N VAL A 558 -23.31 15.38 39.85
CA VAL A 558 -21.87 15.34 39.71
C VAL A 558 -21.47 15.97 38.40
N ILE A 559 -20.22 16.44 38.34
CA ILE A 559 -19.62 16.99 37.14
C ILE A 559 -18.23 16.39 36.98
N ASP A 560 -17.92 15.93 35.77
CA ASP A 560 -16.61 15.41 35.42
C ASP A 560 -15.91 16.47 34.58
N THR A 561 -14.95 17.17 35.18
CA THR A 561 -14.31 18.28 34.49
C THR A 561 -13.57 17.82 33.24
N LEU A 562 -13.15 16.55 33.20
CA LEU A 562 -12.51 16.04 32.00
C LEU A 562 -13.45 16.08 30.80
N GLU A 563 -14.66 15.56 30.98
CA GLU A 563 -15.63 15.56 29.88
C GLU A 563 -16.05 16.97 29.52
N LEU A 564 -16.22 17.85 30.51
CA LEU A 564 -16.62 19.22 30.21
C LEU A 564 -15.53 19.93 29.41
N ALA A 565 -14.26 19.73 29.78
CA ALA A 565 -13.18 20.32 29.01
C ALA A 565 -13.13 19.74 27.60
N ARG A 566 -13.36 18.44 27.46
CA ARG A 566 -13.36 17.84 26.13
C ARG A 566 -14.47 18.43 25.26
N TYR A 567 -15.65 18.62 25.83
CA TYR A 567 -16.77 19.15 25.07
C TYR A 567 -16.58 20.64 24.75
N LEU A 568 -16.01 21.41 25.68
CA LEU A 568 -15.93 22.84 25.49
C LEU A 568 -14.73 23.26 24.65
N TYR A 569 -13.64 22.51 24.72
CA TYR A 569 -12.40 22.85 24.00
C TYR A 569 -11.94 21.64 23.22
N PRO A 570 -12.68 21.23 22.20
CA PRO A 570 -12.23 20.10 21.36
C PRO A 570 -10.89 20.35 20.70
N GLN A 571 -10.53 21.61 20.45
CA GLN A 571 -9.27 21.90 19.79
C GLN A 571 -8.08 21.40 20.60
N PHE A 572 -8.23 21.29 21.92
CA PHE A 572 -7.15 20.79 22.75
C PHE A 572 -6.82 19.34 22.37
N LYS A 573 -5.57 18.96 22.61
CA LYS A 573 -5.11 17.62 22.27
C LYS A 573 -5.03 16.69 23.49
N ARG A 574 -4.55 17.19 24.63
CA ARG A 574 -4.51 16.42 25.86
C ARG A 574 -5.27 17.17 26.94
N PHE A 575 -6.14 16.44 27.66
CA PHE A 575 -7.06 17.05 28.60
C PHE A 575 -6.79 16.65 30.05
N GLY A 576 -5.57 16.17 30.32
CA GLY A 576 -5.19 15.90 31.72
C GLY A 576 -5.19 17.17 32.55
N LEU A 577 -5.17 17.07 33.88
CA LEU A 577 -5.30 18.28 34.73
C LEU A 577 -4.08 19.17 34.56
N GLY A 578 -2.88 18.61 34.62
CA GLY A 578 -1.70 19.49 34.53
C GLY A 578 -1.75 20.27 33.23
N VAL A 579 -1.97 19.57 32.13
CA VAL A 579 -1.96 20.23 30.80
C VAL A 579 -3.05 21.31 30.84
N LEU A 580 -4.24 20.93 31.29
CA LEU A 580 -5.37 21.90 31.25
C LEU A 580 -5.05 23.04 32.23
N SER A 581 -4.45 22.70 33.38
CA SER A 581 -4.19 23.75 34.38
C SER A 581 -3.21 24.73 33.74
N LYS A 582 -2.18 24.19 33.10
CA LYS A 582 -1.18 25.05 32.45
C LYS A 582 -1.89 25.93 31.41
N LYS A 583 -2.70 25.32 30.54
CA LYS A 583 -3.34 26.11 29.46
C LYS A 583 -4.15 27.24 30.07
N PHE A 584 -4.86 26.97 31.16
CA PHE A 584 -5.74 28.03 31.73
C PHE A 584 -4.98 28.70 32.87
N ARG A 593 -0.71 16.22 45.26
CA ARG A 593 -1.40 16.00 46.56
C ARG A 593 -2.87 16.32 46.36
N ALA A 594 -3.74 15.59 47.04
CA ALA A 594 -5.19 15.79 46.85
C ALA A 594 -5.54 17.26 47.05
N ILE A 595 -5.03 17.90 48.09
CA ILE A 595 -5.42 19.31 48.36
C ILE A 595 -5.17 20.14 47.11
N TYR A 596 -3.94 20.12 46.61
CA TYR A 596 -3.59 20.87 45.38
C TYR A 596 -4.52 20.46 44.24
N ASP A 597 -4.56 19.17 43.92
CA ASP A 597 -5.47 18.68 42.87
C ASP A 597 -6.82 19.36 43.06
N ALA A 598 -7.38 19.32 44.27
CA ALA A 598 -8.74 19.86 44.44
C ALA A 598 -8.79 21.35 44.14
N GLU A 599 -7.87 22.12 44.69
CA GLU A 599 -7.96 23.58 44.49
C GLU A 599 -7.79 23.84 42.99
N ALA A 600 -6.91 23.07 42.34
CA ALA A 600 -6.66 23.27 40.90
C ALA A 600 -7.93 23.00 40.10
N THR A 601 -8.60 21.90 40.39
CA THR A 601 -9.81 21.56 39.63
C THR A 601 -10.82 22.68 39.88
N GLY A 602 -10.90 23.15 41.12
CA GLY A 602 -11.92 24.17 41.42
C GLY A 602 -11.65 25.44 40.64
N HIS A 603 -10.37 25.81 40.56
CA HIS A 603 -10.01 27.06 39.85
C HIS A 603 -10.36 26.90 38.38
N LEU A 604 -10.36 25.67 37.89
CA LEU A 604 -10.77 25.45 36.47
C LEU A 604 -12.29 25.33 36.39
N ALA A 605 -12.87 24.43 37.17
CA ALA A 605 -14.29 24.14 37.08
C ALA A 605 -15.11 25.40 37.03
N TRP A 606 -14.70 26.44 37.76
CA TRP A 606 -15.42 27.71 37.65
C TRP A 606 -15.41 28.20 36.21
N ILE A 607 -14.23 28.18 35.57
CA ILE A 607 -14.10 28.64 34.20
C ILE A 607 -14.93 27.76 33.26
N PHE A 608 -14.87 26.44 33.46
CA PHE A 608 -15.61 25.54 32.59
C PHE A 608 -17.12 25.77 32.71
N VAL A 609 -17.62 25.96 33.93
CA VAL A 609 -19.05 26.18 34.10
C VAL A 609 -19.46 27.53 33.52
N LYS A 610 -18.62 28.55 33.69
CA LYS A 610 -18.93 29.84 33.07
C LYS A 610 -19.00 29.71 31.56
N GLU A 611 -18.06 28.98 30.96
CA GLU A 611 -18.09 28.76 29.52
C GLU A 611 -19.33 27.98 29.10
N ALA A 612 -19.70 26.97 29.88
CA ALA A 612 -20.89 26.19 29.55
C ALA A 612 -22.15 27.04 29.60
N MET A 613 -22.22 27.95 30.57
CA MET A 613 -23.39 28.81 30.69
C MET A 613 -23.43 29.89 29.61
N ASP A 614 -22.26 30.43 29.22
CA ASP A 614 -22.23 31.56 28.30
C ASP A 614 -22.17 31.11 26.84
N ASN A 615 -21.11 30.38 26.46
CA ASN A 615 -20.92 30.00 25.06
C ASN A 615 -22.02 29.08 24.56
N HIS A 616 -22.75 28.43 25.46
CA HIS A 616 -23.83 27.51 25.10
C HIS A 616 -25.05 27.81 25.97
N LEU A 619 -27.32 26.22 31.27
CA LEU A 619 -27.42 26.95 32.52
C LEU A 619 -27.77 26.07 33.71
N TYR A 620 -28.23 24.84 33.47
CA TYR A 620 -28.57 23.91 34.52
C TYR A 620 -27.62 22.73 34.48
N HIS A 621 -27.80 21.82 35.45
CA HIS A 621 -27.03 20.59 35.45
C HIS A 621 -27.47 19.66 34.32
N ASP A 622 -28.78 19.49 34.18
CA ASP A 622 -29.31 18.58 33.15
C ASP A 622 -28.84 19.01 31.76
N GLN A 623 -28.92 20.30 31.47
CA GLN A 623 -28.52 20.79 30.16
C GLN A 623 -27.06 20.50 29.87
N LEU A 624 -26.26 20.21 30.89
CA LEU A 624 -24.86 19.87 30.65
C LEU A 624 -24.69 18.58 29.87
N ASN A 625 -25.74 17.77 29.75
CA ASN A 625 -25.65 16.49 29.05
C ASN A 625 -26.37 16.48 27.70
N GLU A 626 -26.99 17.59 27.31
CA GLU A 626 -27.85 17.57 26.13
C GLU A 626 -27.07 17.26 24.87
N HIS A 627 -25.94 17.93 24.66
CA HIS A 627 -25.11 17.73 23.47
C HIS A 627 -23.91 16.89 23.87
N ILE A 628 -24.08 15.57 23.80
CA ILE A 628 -23.04 14.62 24.20
C ILE A 628 -22.86 13.62 23.07
N GLY A 629 -21.61 13.31 22.71
CA GLY A 629 -21.42 12.26 21.70
C GLY A 629 -21.79 12.78 20.32
N GLU A 630 -21.76 14.09 20.16
CA GLU A 630 -22.10 14.69 18.85
C GLU A 630 -20.85 15.34 18.27
N GLY A 631 -20.47 14.95 17.04
CA GLY A 631 -19.34 15.62 16.38
C GLY A 631 -18.06 14.81 16.44
N ASP A 632 -16.96 15.45 16.80
CA ASP A 632 -15.66 14.77 16.81
C ASP A 632 -15.53 14.05 18.14
N SER A 633 -16.65 13.82 18.81
CA SER A 633 -16.56 13.22 20.15
C SER A 633 -15.68 11.98 20.05
N TYR A 634 -15.79 11.25 18.94
CA TYR A 634 -15.01 10.02 18.79
C TYR A 634 -13.54 10.35 18.87
N LYS A 635 -13.17 11.55 18.46
CA LYS A 635 -11.72 11.89 18.37
C LYS A 635 -11.10 12.06 19.74
N ARG A 636 -11.88 12.41 20.76
CA ARG A 636 -11.27 12.72 22.07
C ARG A 636 -11.47 11.55 23.02
N ALA A 637 -12.36 10.65 22.67
CA ALA A 637 -12.65 9.52 23.54
C ALA A 637 -11.46 8.58 23.60
N ARG A 638 -11.42 7.73 24.63
CA ARG A 638 -10.33 6.74 24.74
C ARG A 638 -10.88 5.42 24.30
N PRO A 639 -10.38 4.83 23.21
CA PRO A 639 -10.91 3.58 22.68
C PRO A 639 -10.58 2.40 23.57
N PHE A 640 -11.41 1.37 23.47
CA PHE A 640 -11.18 0.10 24.15
C PHE A 640 -11.39 -1.03 23.16
N HIS A 641 -10.75 -2.16 23.43
CA HIS A 641 -10.76 -3.26 22.49
C HIS A 641 -12.06 -4.04 22.57
N VAL A 642 -12.65 -4.31 21.41
CA VAL A 642 -13.81 -5.18 21.30
C VAL A 642 -13.52 -6.16 20.17
N THR A 643 -14.08 -7.36 20.28
CA THR A 643 -13.94 -8.35 19.22
C THR A 643 -15.26 -8.45 18.47
N ILE A 644 -15.20 -8.35 17.15
CA ILE A 644 -16.39 -8.42 16.30
C ILE A 644 -16.21 -9.59 15.36
N LEU A 645 -17.14 -10.53 15.39
CA LEU A 645 -17.11 -11.70 14.51
C LEU A 645 -18.33 -11.69 13.62
N ALA A 646 -18.12 -11.98 12.34
CA ALA A 646 -19.24 -12.13 11.41
C ALA A 646 -19.91 -13.47 11.64
N LYS A 647 -21.24 -13.43 11.82
CA LYS A 647 -21.97 -14.67 12.03
C LYS A 647 -22.39 -15.30 10.71
N ASN A 648 -22.59 -14.50 9.68
CA ASN A 648 -22.98 -15.01 8.36
C ASN A 648 -22.48 -14.02 7.31
N GLN A 649 -22.87 -14.26 6.06
CA GLN A 649 -22.39 -13.43 4.96
C GLN A 649 -22.86 -11.98 5.12
N ALA A 650 -24.12 -11.78 5.51
CA ALA A 650 -24.59 -10.43 5.79
C ALA A 650 -23.79 -9.82 6.93
N GLY A 651 -23.44 -10.63 7.93
CA GLY A 651 -22.56 -10.16 8.97
C GLY A 651 -21.21 -9.72 8.43
N LEU A 652 -20.70 -10.43 7.42
CA LEU A 652 -19.43 -10.04 6.82
C LEU A 652 -19.56 -8.71 6.09
N LYS A 653 -20.66 -8.49 5.38
CA LYS A 653 -20.86 -7.20 4.74
C LYS A 653 -20.96 -6.08 5.77
N ASP A 654 -21.64 -6.33 6.88
CA ASP A 654 -21.72 -5.34 7.95
C ASP A 654 -20.36 -5.08 8.57
N LEU A 655 -19.55 -6.13 8.72
CA LEU A 655 -18.20 -5.98 9.24
C LEU A 655 -17.33 -5.14 8.31
N PHE A 656 -17.47 -5.37 6.99
CA PHE A 656 -16.75 -4.53 6.02
C PHE A 656 -17.20 -3.08 6.12
N LYS A 657 -18.50 -2.85 6.28
CA LYS A 657 -18.99 -1.48 6.45
C LYS A 657 -18.41 -0.84 7.70
N LEU A 658 -18.37 -1.59 8.81
CA LEU A 658 -17.83 -1.06 10.05
C LEU A 658 -16.36 -0.72 9.92
N ILE A 659 -15.58 -1.61 9.30
CA ILE A 659 -14.15 -1.34 9.10
C ILE A 659 -13.96 -0.12 8.20
N SER A 660 -14.75 -0.03 7.13
CA SER A 660 -14.63 1.09 6.22
C SER A 660 -14.95 2.41 6.91
N MET A 661 -15.98 2.42 7.76
CA MET A 661 -16.33 3.65 8.45
C MET A 661 -15.30 4.00 9.51
N SER A 662 -14.75 3.00 10.20
CA SER A 662 -13.70 3.27 11.17
C SER A 662 -12.44 3.79 10.50
N ASN A 663 -12.23 3.44 9.23
CA ASN A 663 -11.08 3.94 8.49
C ASN A 663 -11.33 5.29 7.83
N VAL A 664 -12.58 5.58 7.46
CA VAL A 664 -12.89 6.73 6.64
C VAL A 664 -13.59 7.84 7.40
N GLU A 665 -14.41 7.51 8.40
CA GLU A 665 -15.20 8.51 9.11
C GLU A 665 -14.79 8.72 10.55
N TYR A 666 -14.29 7.69 11.22
CA TYR A 666 -14.01 7.75 12.65
C TYR A 666 -12.56 7.37 12.94
N PHE A 667 -11.63 7.87 12.15
CA PHE A 667 -10.22 7.56 12.32
C PHE A 667 -9.55 8.68 13.11
N GLU A 668 -8.93 8.32 14.23
CA GLU A 668 -8.08 9.24 15.01
C GLU A 668 -6.92 8.43 15.57
N ARG A 669 -5.82 8.39 14.80
CA ARG A 669 -4.61 7.69 15.19
C ARG A 669 -4.83 6.18 15.25
N VAL A 670 -6.08 5.76 15.08
CA VAL A 670 -6.43 4.35 14.91
C VAL A 670 -7.82 4.32 14.29
N PRO A 671 -8.22 3.24 13.63
CA PRO A 671 -9.62 3.11 13.20
C PRO A 671 -10.52 2.93 14.42
N ARG A 672 -11.48 3.83 14.57
CA ARG A 672 -12.38 3.83 15.71
C ARG A 672 -13.81 3.53 15.26
N ILE A 673 -14.51 2.74 16.04
CA ILE A 673 -15.92 2.48 15.84
C ILE A 673 -16.68 3.12 17.02
N PRO A 674 -17.53 4.12 16.78
CA PRO A 674 -18.42 4.56 17.85
C PRO A 674 -19.38 3.45 18.24
N ARG A 675 -19.64 3.33 19.54
CA ARG A 675 -20.44 2.21 20.01
C ARG A 675 -21.86 2.24 19.43
N SER A 676 -22.37 3.42 19.10
CA SER A 676 -23.69 3.50 18.48
C SER A 676 -23.70 2.82 17.12
N GLN A 677 -22.66 3.03 16.31
CA GLN A 677 -22.57 2.36 15.02
C GLN A 677 -22.49 0.85 15.18
N LEU A 678 -21.77 0.37 16.19
CA LEU A 678 -21.64 -1.10 16.38
C LEU A 678 -22.99 -1.67 16.85
N LYS A 679 -23.80 -0.87 17.54
CA LYS A 679 -25.13 -1.30 18.00
C LYS A 679 -26.11 -1.44 16.83
N LYS A 680 -26.04 -0.54 15.87
CA LYS A 680 -26.95 -0.58 14.71
C LYS A 680 -26.68 -1.83 13.89
N MET A 681 -25.39 -2.15 13.70
CA MET A 681 -25.01 -3.29 12.83
C MET A 681 -24.51 -4.43 13.71
N ARG A 682 -25.41 -5.12 14.42
CA ARG A 682 -24.96 -6.17 15.35
C ARG A 682 -25.95 -7.34 15.33
N GLU A 683 -26.90 -7.32 14.40
CA GLU A 683 -27.85 -8.45 14.26
C GLU A 683 -27.10 -9.65 13.71
N ASN A 684 -25.97 -9.41 13.05
CA ASN A 684 -25.19 -10.51 12.43
C ASN A 684 -23.72 -10.38 12.85
N LEU A 685 -23.48 -9.88 14.07
CA LEU A 685 -22.07 -9.65 14.52
C LEU A 685 -21.93 -10.05 16.00
N LEU A 686 -21.23 -11.14 16.30
CA LEU A 686 -20.94 -11.57 17.66
C LEU A 686 -19.94 -10.61 18.27
N ILE A 687 -20.31 -9.95 19.35
CA ILE A 687 -19.41 -8.97 20.02
C ILE A 687 -18.84 -9.61 21.27
N GLY A 688 -17.52 -9.59 21.47
CA GLY A 688 -16.82 -10.16 22.58
C GLY A 688 -15.98 -9.12 23.29
N SER A 689 -15.65 -9.36 24.55
CA SER A 689 -14.94 -8.34 25.38
C SER A 689 -13.44 -8.20 25.07
N ALA A 690 -12.90 -8.94 24.10
CA ALA A 690 -11.48 -8.77 23.70
C ALA A 690 -10.51 -9.07 24.86
N CYS A 691 -9.53 -8.18 25.13
CA CYS A 691 -8.48 -8.49 26.15
C CYS A 691 -8.54 -7.56 27.37
N ASP A 692 -7.46 -7.53 28.17
CA ASP A 692 -7.42 -6.68 29.34
C ASP A 692 -7.63 -5.20 28.99
N LYS A 693 -7.45 -4.84 27.73
CA LYS A 693 -7.76 -3.49 27.27
C LYS A 693 -9.21 -3.36 26.82
N GLY A 694 -10.00 -4.43 26.91
CA GLY A 694 -11.43 -4.30 26.77
C GLY A 694 -12.06 -3.70 28.00
N GLU A 695 -13.30 -3.24 27.85
CA GLU A 695 -13.93 -2.48 28.92
C GLU A 695 -14.43 -3.36 30.05
N ILE A 696 -14.74 -4.63 29.79
CA ILE A 696 -15.24 -5.50 30.86
C ILE A 696 -14.13 -5.80 31.86
N PHE A 697 -12.95 -6.15 31.36
CA PHE A 697 -11.80 -6.39 32.24
C PHE A 697 -11.39 -5.10 32.95
N GLU A 698 -11.41 -3.98 32.24
CA GLU A 698 -11.06 -2.71 32.87
C GLU A 698 -12.00 -2.39 34.02
N ALA A 699 -13.30 -2.57 33.80
CA ALA A 699 -14.27 -2.32 34.87
C ALA A 699 -14.09 -3.30 36.02
N MET A 700 -13.83 -4.56 35.74
CA MET A 700 -13.75 -5.52 36.86
C MET A 700 -12.49 -5.28 37.66
N MET A 701 -11.40 -4.87 37.01
CA MET A 701 -10.16 -4.67 37.74
C MET A 701 -10.02 -3.26 38.31
N GLN A 702 -10.88 -2.32 37.92
CA GLN A 702 -10.75 -0.94 38.38
C GLN A 702 -12.04 -0.30 38.87
N LYS A 703 -13.20 -0.92 38.67
CA LYS A 703 -14.46 -0.28 39.04
C LYS A 703 -15.42 -1.17 39.81
N GLY A 704 -15.30 -2.48 39.66
CA GLY A 704 -16.13 -3.39 40.47
C GLY A 704 -17.04 -4.31 39.70
N VAL A 705 -17.56 -5.34 40.35
CA VAL A 705 -18.41 -6.37 39.69
C VAL A 705 -19.68 -5.73 39.15
N GLU A 706 -20.24 -4.73 39.81
CA GLU A 706 -21.53 -4.22 39.31
C GLU A 706 -21.34 -3.46 37.99
N GLU A 707 -20.27 -2.68 37.87
CA GLU A 707 -19.96 -1.98 36.63
C GLU A 707 -19.59 -2.97 35.54
N ALA A 708 -18.87 -4.02 35.88
CA ALA A 708 -18.58 -5.02 34.85
C ALA A 708 -19.85 -5.76 34.44
N ARG A 709 -20.84 -5.92 35.31
CA ARG A 709 -22.02 -6.75 34.95
C ARG A 709 -22.96 -5.88 34.14
N ASN A 710 -22.85 -4.58 34.28
CA ASN A 710 -23.63 -3.66 33.46
C ASN A 710 -23.01 -3.50 32.08
N ARG A 711 -21.69 -3.38 32.01
CA ARG A 711 -21.03 -3.30 30.72
C ARG A 711 -21.15 -4.61 29.95
N ALA A 712 -21.11 -5.72 30.66
CA ALA A 712 -21.13 -7.03 30.00
C ALA A 712 -22.50 -7.27 29.41
N LYS A 713 -23.48 -6.53 29.86
CA LYS A 713 -24.79 -6.65 29.25
C LYS A 713 -24.74 -6.41 27.75
N PHE A 714 -23.79 -5.63 27.23
CA PHE A 714 -23.74 -5.26 25.77
C PHE A 714 -23.05 -6.31 24.92
N TYR A 715 -22.23 -7.16 25.51
CA TYR A 715 -21.43 -8.14 24.75
C TYR A 715 -22.26 -9.38 24.49
N ASP A 716 -21.76 -10.29 23.66
CA ASP A 716 -22.49 -11.53 23.29
C ASP A 716 -21.73 -12.68 23.92
N TYR A 717 -20.42 -12.53 24.11
CA TYR A 717 -19.63 -13.50 24.84
C TYR A 717 -18.52 -12.76 25.56
N ILE A 718 -17.98 -13.40 26.60
CA ILE A 718 -16.97 -12.79 27.47
C ILE A 718 -15.67 -13.57 27.29
N GLU A 719 -14.58 -12.86 27.09
CA GLU A 719 -13.28 -13.45 26.83
C GLU A 719 -12.41 -13.39 28.08
N VAL A 720 -11.85 -14.53 28.47
CA VAL A 720 -10.88 -14.61 29.54
C VAL A 720 -9.62 -15.29 28.99
N MET A 721 -8.49 -14.64 29.18
CA MET A 721 -7.22 -15.21 28.73
C MET A 721 -6.42 -15.76 29.90
N PRO A 722 -5.42 -16.58 29.63
CA PRO A 722 -4.60 -17.14 30.71
C PRO A 722 -3.87 -16.04 31.46
N LYS A 723 -3.53 -16.35 32.72
CA LYS A 723 -2.81 -15.38 33.54
C LYS A 723 -1.49 -14.97 32.94
N ALA A 724 -0.92 -15.77 32.04
CA ALA A 724 0.33 -15.40 31.40
C ALA A 724 0.15 -14.18 30.50
N VAL A 725 -1.01 -14.06 29.86
CA VAL A 725 -1.30 -12.89 29.04
C VAL A 725 -1.40 -11.63 29.90
N TYR A 726 -1.92 -11.77 31.12
CA TYR A 726 -2.19 -10.63 31.99
C TYR A 726 -0.97 -10.22 32.82
N ALA A 727 0.13 -10.95 32.75
CA ALA A 727 1.29 -10.64 33.58
C ALA A 727 1.73 -9.19 33.48
N PRO A 728 1.75 -8.55 32.31
CA PRO A 728 2.13 -7.13 32.25
C PRO A 728 1.30 -6.26 33.18
N LEU A 729 0.06 -6.64 33.46
CA LEU A 729 -0.75 -5.88 34.41
C LEU A 729 -0.16 -5.95 35.81
N ILE A 730 0.22 -7.16 36.24
CA ILE A 730 0.84 -7.30 37.55
C ILE A 730 2.17 -6.56 37.60
N GLU A 731 2.89 -6.54 36.49
CA GLU A 731 4.16 -5.79 36.45
C GLU A 731 3.93 -4.29 36.50
N GLN A 732 2.81 -3.81 35.97
CA GLN A 732 2.51 -2.38 35.94
C GLN A 732 1.80 -1.90 37.20
N GLU A 733 1.60 -2.77 38.19
CA GLU A 733 0.89 -2.48 39.42
C GLU A 733 -0.62 -2.37 39.23
N LEU A 734 -1.12 -2.57 38.02
CA LEU A 734 -2.56 -2.51 37.79
C LEU A 734 -3.28 -3.61 38.57
N VAL A 735 -2.70 -4.81 38.60
CA VAL A 735 -3.15 -5.89 39.45
C VAL A 735 -2.01 -6.24 40.39
N LYS A 736 -2.31 -6.30 41.69
CA LYS A 736 -1.24 -6.38 42.69
C LYS A 736 -0.51 -7.71 42.61
N ASN A 737 -1.25 -8.82 42.57
CA ASN A 737 -0.63 -10.14 42.63
C ASN A 737 -1.47 -11.13 41.83
N GLU A 738 -1.00 -12.38 41.79
CA GLU A 738 -1.70 -13.41 41.06
C GLU A 738 -3.06 -13.74 41.68
N HIS A 739 -3.19 -13.54 42.99
CA HIS A 739 -4.48 -13.79 43.65
C HIS A 739 -5.54 -12.83 43.15
N ASP A 740 -5.20 -11.55 43.00
CA ASP A 740 -6.14 -10.59 42.46
C ASP A 740 -6.49 -10.92 41.01
N LEU A 741 -5.51 -11.37 40.24
CA LEU A 741 -5.76 -11.76 38.85
C LEU A 741 -6.74 -12.93 38.78
N GLU A 742 -6.51 -13.94 39.62
CA GLU A 742 -7.43 -15.09 39.66
C GLU A 742 -8.82 -14.64 40.07
N GLU A 743 -8.92 -13.75 41.05
CA GLU A 743 -10.23 -13.24 41.46
C GLU A 743 -10.92 -12.52 40.31
N ILE A 744 -10.18 -11.69 39.57
CA ILE A 744 -10.78 -10.96 38.45
C ILE A 744 -11.30 -11.93 37.39
N ILE A 745 -10.50 -12.94 37.06
CA ILE A 745 -10.91 -13.90 36.04
C ILE A 745 -12.15 -14.66 36.50
N GLN A 746 -12.16 -15.10 37.76
CA GLN A 746 -13.31 -15.84 38.27
C GLN A 746 -14.56 -14.96 38.31
N ASN A 747 -14.38 -13.70 38.64
CA ASN A 747 -15.60 -12.88 38.71
C ASN A 747 -16.18 -12.81 37.30
N LEU A 748 -15.34 -12.63 36.28
CA LEU A 748 -15.81 -12.47 34.88
C LEU A 748 -16.51 -13.73 34.44
N VAL A 749 -16.02 -14.90 34.86
CA VAL A 749 -16.71 -16.17 34.51
C VAL A 749 -18.10 -16.17 35.15
N GLU A 750 -18.21 -15.77 36.41
CA GLU A 750 -19.51 -15.73 37.12
C GLU A 750 -20.44 -14.69 36.51
N ILE A 751 -19.93 -13.50 36.21
CA ILE A 751 -20.80 -12.42 35.67
C ILE A 751 -21.42 -12.96 34.39
N GLY A 752 -20.64 -13.69 33.60
CA GLY A 752 -21.14 -14.22 32.33
C GLY A 752 -22.22 -15.26 32.51
N LYS A 753 -22.03 -16.18 33.45
CA LYS A 753 -23.06 -17.19 33.74
C LYS A 753 -24.30 -16.47 34.24
N SER A 754 -24.12 -15.45 35.06
CA SER A 754 -25.26 -14.72 35.63
C SER A 754 -26.09 -14.10 34.50
N LEU A 755 -25.44 -13.48 33.52
CA LEU A 755 -26.20 -12.79 32.45
C LEU A 755 -26.45 -13.77 31.31
N ASP A 756 -26.07 -15.04 31.46
CA ASP A 756 -26.42 -16.02 30.43
C ASP A 756 -25.68 -15.71 29.13
N LYS A 757 -24.40 -15.44 29.24
CA LYS A 757 -23.53 -15.16 28.10
C LYS A 757 -22.46 -16.22 28.00
N ILE A 758 -22.01 -16.48 26.77
CA ILE A 758 -20.94 -17.44 26.55
C ILE A 758 -19.64 -16.87 27.07
N VAL A 759 -18.97 -17.60 27.95
CA VAL A 759 -17.65 -17.25 28.46
C VAL A 759 -16.65 -18.18 27.81
N VAL A 760 -15.64 -17.61 27.18
CA VAL A 760 -14.67 -18.39 26.43
C VAL A 760 -13.26 -17.95 26.81
N ALA A 761 -12.34 -18.89 26.75
CA ALA A 761 -10.92 -18.60 26.88
C ALA A 761 -10.35 -18.45 25.48
N THR A 762 -9.63 -17.35 25.25
CA THR A 762 -9.25 -16.98 23.88
C THR A 762 -7.76 -17.12 23.61
N GLY A 763 -6.90 -16.46 24.38
CA GLY A 763 -5.47 -16.61 24.23
C GLY A 763 -4.77 -15.41 23.61
N ASN A 764 -5.46 -14.58 22.83
CA ASN A 764 -4.87 -13.35 22.31
C ASN A 764 -3.62 -13.63 21.47
N VAL A 765 -3.72 -14.64 20.60
CA VAL A 765 -2.55 -15.13 19.90
C VAL A 765 -1.94 -14.03 19.03
N HIS A 766 -0.63 -13.83 19.17
CA HIS A 766 0.11 -12.88 18.35
C HIS A 766 1.22 -13.54 17.54
N TYR A 767 1.60 -14.77 17.85
CA TYR A 767 2.58 -15.51 17.07
C TYR A 767 2.38 -16.99 17.35
N LEU A 768 3.04 -17.82 16.55
CA LEU A 768 2.74 -19.25 16.53
C LEU A 768 3.37 -19.98 17.72
N ASN A 769 4.68 -19.87 17.88
CA ASN A 769 5.41 -20.66 18.86
C ASN A 769 6.02 -19.75 19.93
N GLU A 770 6.44 -20.38 21.02
CA GLU A 770 7.02 -19.62 22.14
C GLU A 770 8.36 -19.01 21.79
N GLU A 771 9.07 -19.57 20.80
CA GLU A 771 10.36 -19.03 20.41
C GLU A 771 10.23 -17.85 19.47
N ASP A 772 9.05 -17.62 18.91
CA ASP A 772 8.83 -16.50 18.01
C ASP A 772 8.64 -15.18 18.73
N ALA A 773 8.47 -15.21 20.05
CA ALA A 773 8.20 -13.99 20.80
C ALA A 773 9.23 -12.92 20.48
N ILE A 774 10.49 -13.31 20.34
CA ILE A 774 11.55 -12.33 20.12
C ILE A 774 11.22 -11.44 18.95
N TYR A 775 10.73 -12.02 17.86
CA TYR A 775 10.42 -11.21 16.68
C TYR A 775 9.50 -10.06 17.06
N ARG A 776 8.38 -10.38 17.72
CA ARG A 776 7.46 -9.33 18.14
C ARG A 776 8.21 -8.27 18.93
N LYS A 777 9.00 -8.68 19.92
CA LYS A 777 9.74 -7.73 20.73
C LYS A 777 10.52 -6.78 19.84
N ILE A 778 11.28 -7.33 18.89
CA ILE A 778 12.10 -6.47 18.03
C ILE A 778 11.21 -5.44 17.36
N LEU A 779 10.13 -5.90 16.73
CA LEU A 779 9.24 -4.96 16.06
C LEU A 779 8.76 -3.90 17.04
N ILE A 780 8.30 -4.33 18.21
CA ILE A 780 7.79 -3.37 19.18
C ILE A 780 8.91 -2.41 19.58
N ASN A 781 10.10 -2.94 19.82
CA ASN A 781 11.21 -2.07 20.21
C ASN A 781 11.49 -1.03 19.13
N SER A 782 11.24 -1.37 17.88
CA SER A 782 11.52 -0.43 16.80
C SER A 782 10.66 0.82 16.88
N MET A 783 9.57 0.78 17.65
CA MET A 783 8.66 1.92 17.75
C MET A 783 9.04 2.87 18.88
N GLY A 784 10.05 2.53 19.67
CA GLY A 784 10.49 3.43 20.73
C GLY A 784 9.37 3.75 21.70
N GLY A 785 9.24 5.03 22.03
CA GLY A 785 8.20 5.51 22.92
C GLY A 785 6.84 5.66 22.30
N ALA A 786 6.71 5.41 21.00
CA ALA A 786 5.39 5.44 20.36
C ALA A 786 4.51 4.31 20.87
N ASN A 787 5.09 3.14 21.12
CA ASN A 787 4.33 1.98 21.57
C ASN A 787 4.32 1.95 23.09
N PRO A 788 3.15 1.99 23.73
CA PRO A 788 3.11 1.85 25.20
C PRO A 788 3.59 0.49 25.68
N LEU A 789 3.58 -0.53 24.82
CA LEU A 789 4.04 -1.84 25.22
C LEU A 789 5.52 -1.86 25.58
N ASN A 790 6.29 -0.87 25.13
CA ASN A 790 7.71 -0.86 25.42
C ASN A 790 8.00 -0.52 26.87
N ARG A 791 7.03 0.05 27.59
CA ARG A 791 7.24 0.38 28.99
C ARG A 791 7.42 -0.87 29.84
N HIS A 792 6.67 -1.92 29.52
CA HIS A 792 6.66 -3.15 30.30
C HIS A 792 7.12 -4.33 29.44
N SER A 793 7.00 -5.52 30.00
CA SER A 793 7.36 -6.75 29.29
C SER A 793 6.16 -7.29 28.53
N LEU A 794 6.44 -7.89 27.37
CA LEU A 794 5.35 -8.43 26.57
C LEU A 794 4.87 -9.76 27.14
N PRO A 795 3.60 -10.06 26.97
CA PRO A 795 3.04 -11.31 27.50
C PRO A 795 3.48 -12.51 26.66
N ASP A 796 2.95 -13.67 27.03
CA ASP A 796 3.18 -14.90 26.28
C ASP A 796 1.90 -15.18 25.48
N VAL A 797 1.89 -14.70 24.25
CA VAL A 797 0.68 -14.73 23.42
C VAL A 797 0.91 -15.65 22.23
N HIS A 798 1.67 -16.73 22.45
CA HIS A 798 1.80 -17.75 21.43
C HIS A 798 0.48 -18.53 21.32
N PHE A 799 0.45 -19.48 20.39
CA PHE A 799 -0.75 -20.26 20.12
C PHE A 799 -0.74 -21.49 21.03
N ARG A 800 -1.65 -21.51 21.99
CA ARG A 800 -1.70 -22.57 22.99
C ARG A 800 -2.60 -23.71 22.52
N THR A 801 -2.19 -24.93 22.82
CA THR A 801 -3.01 -26.09 22.53
C THR A 801 -4.15 -26.21 23.53
N THR A 802 -5.05 -27.15 23.29
CA THR A 802 -6.17 -27.34 24.21
C THR A 802 -5.68 -27.71 25.59
N ASP A 803 -4.70 -28.61 25.68
CA ASP A 803 -4.18 -29.01 26.99
C ASP A 803 -3.52 -27.84 27.71
N GLU A 804 -2.76 -27.02 26.98
CA GLU A 804 -2.15 -25.85 27.60
C GLU A 804 -3.19 -24.91 28.15
N MET A 805 -4.27 -24.68 27.40
CA MET A 805 -5.32 -23.78 27.89
C MET A 805 -6.04 -24.37 29.08
N LEU A 806 -6.33 -25.67 29.06
CA LEU A 806 -6.97 -26.29 30.21
C LEU A 806 -6.09 -26.18 31.45
N THR A 807 -4.78 -26.37 31.30
CA THR A 807 -3.87 -26.19 32.42
C THR A 807 -3.87 -24.74 32.90
N ALA A 808 -3.89 -23.79 31.96
CA ALA A 808 -3.85 -22.38 32.33
C ALA A 808 -5.11 -21.94 33.07
N PHE A 809 -6.21 -22.66 32.92
CA PHE A 809 -7.47 -22.31 33.57
C PHE A 809 -7.89 -23.38 34.56
N HIS A 810 -6.92 -24.11 35.12
CA HIS A 810 -7.23 -25.15 36.09
C HIS A 810 -7.64 -24.57 37.43
N PHE A 811 -7.30 -23.32 37.71
CA PHE A 811 -7.67 -22.70 38.98
C PHE A 811 -9.16 -22.39 39.05
N LEU A 812 -9.90 -22.49 37.95
CA LEU A 812 -11.34 -22.38 37.97
C LEU A 812 -12.03 -23.72 38.16
N GLY A 813 -11.27 -24.79 38.34
CA GLY A 813 -11.88 -26.10 38.38
C GLY A 813 -11.90 -26.77 37.02
N GLU A 814 -11.82 -28.10 37.02
CA GLU A 814 -11.74 -28.82 35.76
C GLU A 814 -13.02 -28.67 34.95
N GLU A 815 -14.18 -28.67 35.59
CA GLU A 815 -15.43 -28.56 34.86
C GLU A 815 -15.57 -27.18 34.21
N THR A 816 -15.34 -26.11 34.97
CA THR A 816 -15.47 -24.77 34.40
C THR A 816 -14.41 -24.53 33.34
N ALA A 817 -13.19 -25.01 33.56
CA ALA A 817 -12.14 -24.85 32.57
C ALA A 817 -12.49 -25.58 31.28
N LYS A 818 -12.93 -26.84 31.39
CA LYS A 818 -13.32 -27.59 30.20
C LYS A 818 -14.50 -26.96 29.51
N GLU A 819 -15.36 -26.25 30.25
CA GLU A 819 -16.49 -25.59 29.61
C GLU A 819 -16.05 -24.35 28.84
N ILE A 820 -15.32 -23.45 29.51
CA ILE A 820 -14.95 -22.20 28.87
C ILE A 820 -13.86 -22.36 27.82
N VAL A 821 -13.15 -23.48 27.83
CA VAL A 821 -12.08 -23.70 26.86
C VAL A 821 -12.58 -24.44 25.64
N VAL A 822 -13.33 -25.53 25.84
CA VAL A 822 -13.72 -26.42 24.75
C VAL A 822 -15.18 -26.22 24.36
N GLU A 823 -16.09 -26.31 25.32
CA GLU A 823 -17.51 -26.31 24.98
C GLU A 823 -17.96 -24.96 24.47
N ASN A 824 -17.63 -23.88 25.17
CA ASN A 824 -18.13 -22.57 24.81
C ASN A 824 -17.50 -22.07 23.51
N THR A 825 -16.20 -22.32 23.32
CA THR A 825 -15.55 -21.92 22.08
C THR A 825 -16.18 -22.62 20.88
N ASN A 826 -16.45 -23.91 21.01
CA ASN A 826 -17.07 -24.63 19.91
C ASN A 826 -18.52 -24.24 19.72
N LYS A 827 -19.21 -23.83 20.79
CA LYS A 827 -20.55 -23.26 20.64
C LYS A 827 -20.50 -21.98 19.81
N ILE A 828 -19.53 -21.11 20.12
CA ILE A 828 -19.38 -19.87 19.35
C ILE A 828 -19.06 -20.20 17.89
N ALA A 829 -18.18 -21.18 17.66
CA ALA A 829 -17.86 -21.57 16.29
C ALA A 829 -19.09 -22.07 15.56
N ASP A 830 -19.91 -22.88 16.24
CA ASP A 830 -21.11 -23.43 15.60
C ASP A 830 -22.15 -22.35 15.34
N ILE A 831 -22.15 -21.28 16.14
CA ILE A 831 -23.09 -20.19 15.89
C ILE A 831 -22.88 -19.61 14.50
N CYS A 832 -21.64 -19.49 14.07
CA CYS A 832 -21.33 -18.89 12.78
C CYS A 832 -21.45 -19.92 11.66
N GLU A 833 -22.10 -19.52 10.58
CA GLU A 833 -22.14 -20.33 9.37
C GLU A 833 -20.93 -20.04 8.50
N GLU A 834 -20.76 -20.87 7.47
CA GLU A 834 -19.62 -20.70 6.58
C GLU A 834 -19.73 -19.40 5.81
N VAL A 835 -18.65 -18.61 5.83
CA VAL A 835 -18.61 -17.30 5.21
C VAL A 835 -17.53 -17.30 4.14
N ILE A 836 -17.78 -16.56 3.07
CA ILE A 836 -16.84 -16.43 1.96
C ILE A 836 -16.46 -14.96 1.83
N PRO A 837 -15.25 -14.60 2.25
CA PRO A 837 -14.85 -13.18 2.17
C PRO A 837 -14.53 -12.71 0.77
N VAL A 838 -14.25 -13.61 -0.16
CA VAL A 838 -13.85 -13.26 -1.52
C VAL A 838 -14.81 -13.92 -2.50
N LYS A 839 -15.12 -13.20 -3.58
CA LYS A 839 -16.03 -13.70 -4.60
C LYS A 839 -15.35 -14.74 -5.46
N ASP A 840 -16.13 -15.37 -6.33
CA ASP A 840 -15.66 -16.46 -7.18
C ASP A 840 -15.49 -16.08 -8.64
N GLU A 841 -16.40 -15.28 -9.18
CA GLU A 841 -16.38 -14.88 -10.58
C GLU A 841 -15.91 -13.44 -10.72
N LEU A 842 -15.82 -12.99 -11.96
CA LEU A 842 -15.47 -11.61 -12.27
C LEU A 842 -16.75 -10.82 -12.53
N TYR A 843 -16.89 -9.68 -11.87
CA TYR A 843 -18.05 -8.81 -12.02
C TYR A 843 -17.60 -7.53 -12.70
N THR A 844 -17.79 -7.47 -13.97
CA THR A 844 -17.39 -6.28 -14.70
C THR A 844 -18.53 -5.28 -14.75
N PRO A 845 -18.23 -4.00 -14.90
CA PRO A 845 -19.31 -3.01 -15.07
C PRO A 845 -20.06 -3.24 -16.36
N LYS A 846 -21.30 -2.78 -16.40
CA LYS A 846 -22.15 -2.91 -17.56
C LYS A 846 -22.35 -1.53 -18.19
N ILE A 847 -21.96 -1.40 -19.45
CA ILE A 847 -22.25 -0.24 -20.27
C ILE A 847 -23.16 -0.69 -21.40
N PRO A 848 -24.37 -0.16 -21.52
CA PRO A 848 -25.28 -0.62 -22.59
C PRO A 848 -24.67 -0.38 -23.96
N GLY A 849 -24.89 -1.34 -24.86
CA GLY A 849 -24.37 -1.24 -26.20
C GLY A 849 -22.86 -1.17 -26.27
N SER A 850 -22.18 -2.05 -25.53
CA SER A 850 -20.72 -2.06 -25.54
C SER A 850 -20.16 -2.98 -26.63
N GLU A 851 -20.72 -4.18 -26.77
CA GLU A 851 -20.26 -5.09 -27.81
C GLU A 851 -20.50 -4.49 -29.19
N ASP A 852 -21.69 -3.95 -29.41
CA ASP A 852 -21.99 -3.33 -30.69
C ASP A 852 -21.12 -2.12 -30.93
N GLU A 853 -20.86 -1.33 -29.89
CA GLU A 853 -20.02 -0.15 -30.05
C GLU A 853 -18.60 -0.54 -30.43
N ILE A 854 -18.04 -1.56 -29.77
CA ILE A 854 -16.69 -2.00 -30.06
C ILE A 854 -16.61 -2.54 -31.49
N SER A 855 -17.59 -3.36 -31.88
CA SER A 855 -17.58 -3.90 -33.24
C SER A 855 -17.69 -2.78 -34.27
N GLU A 856 -18.57 -1.81 -34.03
CA GLU A 856 -18.74 -0.71 -34.96
C GLU A 856 -17.47 0.11 -35.09
N LEU A 857 -16.83 0.43 -33.96
CA LEU A 857 -15.57 1.17 -34.02
C LEU A 857 -14.52 0.41 -34.81
N SER A 858 -14.35 -0.89 -34.49
CA SER A 858 -13.33 -1.67 -35.16
C SER A 858 -13.57 -1.72 -36.65
N TYR A 859 -14.81 -2.00 -37.06
CA TYR A 859 -15.09 -2.14 -38.49
C TYR A 859 -15.03 -0.80 -39.20
N THR A 860 -15.43 0.29 -38.55
CA THR A 860 -15.32 1.60 -39.18
C THR A 860 -13.88 1.95 -39.44
N LYS A 861 -13.01 1.77 -38.44
CA LYS A 861 -11.59 2.05 -38.66
C LYS A 861 -10.99 1.13 -39.71
N ALA A 862 -11.36 -0.16 -39.68
CA ALA A 862 -10.83 -1.10 -40.65
C ALA A 862 -11.26 -0.72 -42.07
N LYS A 863 -12.52 -0.31 -42.24
CA LYS A 863 -12.97 0.13 -43.56
C LYS A 863 -12.22 1.38 -44.00
N GLN A 864 -12.05 2.34 -43.10
CA GLN A 864 -11.33 3.57 -43.47
C GLN A 864 -9.91 3.26 -43.90
N MET A 865 -9.28 2.27 -43.27
CA MET A 865 -7.88 1.98 -43.56
C MET A 865 -7.69 1.00 -44.71
N TYR A 866 -8.67 0.15 -44.98
CA TYR A 866 -8.51 -0.96 -45.92
C TYR A 866 -9.73 -1.12 -46.82
N GLY A 867 -10.50 -0.06 -47.02
CA GLY A 867 -11.61 -0.12 -47.95
C GLY A 867 -12.77 -0.98 -47.49
N ASP A 868 -13.97 -0.68 -47.98
CA ASP A 868 -15.16 -1.39 -47.53
C ASP A 868 -15.04 -2.89 -47.65
N PRO A 869 -14.61 -3.46 -48.78
CA PRO A 869 -14.29 -4.89 -48.78
C PRO A 869 -12.97 -5.11 -48.09
N LEU A 870 -13.01 -5.63 -46.87
CA LEU A 870 -11.78 -5.79 -46.12
C LEU A 870 -10.99 -6.99 -46.64
N PRO A 871 -9.67 -6.93 -46.59
CA PRO A 871 -8.88 -8.09 -46.99
C PRO A 871 -9.26 -9.30 -46.14
N GLU A 872 -9.26 -10.47 -46.77
CA GLU A 872 -9.66 -11.67 -46.05
C GLU A 872 -8.85 -11.87 -44.79
N ILE A 873 -7.58 -11.46 -44.80
CA ILE A 873 -6.74 -11.55 -43.60
C ILE A 873 -7.35 -10.70 -42.49
N ILE A 874 -7.71 -9.45 -42.82
CA ILE A 874 -8.26 -8.55 -41.81
C ILE A 874 -9.64 -9.01 -41.40
N GLN A 875 -10.43 -9.52 -42.34
CA GLN A 875 -11.74 -10.07 -41.99
C GLN A 875 -11.61 -11.19 -40.97
N LYS A 876 -10.72 -12.16 -41.24
CA LYS A 876 -10.54 -13.27 -40.33
C LYS A 876 -10.06 -12.79 -38.97
N ARG A 877 -9.08 -11.88 -38.96
CA ARG A 877 -8.54 -11.40 -37.70
C ARG A 877 -9.62 -10.71 -36.88
N LEU A 878 -10.34 -9.77 -37.49
CA LEU A 878 -11.37 -9.04 -36.77
C LEU A 878 -12.47 -9.97 -36.28
N LYS A 879 -12.90 -10.90 -37.13
CA LYS A 879 -13.98 -11.81 -36.73
C LYS A 879 -13.55 -12.65 -35.53
N LYS A 880 -12.34 -13.22 -35.57
CA LYS A 880 -11.91 -14.07 -34.47
C LYS A 880 -11.73 -13.25 -33.20
N GLU A 881 -11.09 -12.09 -33.29
CA GLU A 881 -10.89 -11.26 -32.10
C GLU A 881 -12.22 -10.87 -31.49
N LEU A 882 -13.16 -10.41 -32.32
CA LEU A 882 -14.43 -9.93 -31.79
C LEU A 882 -15.30 -11.07 -31.28
N ASN A 883 -15.19 -12.26 -31.87
CA ASN A 883 -15.92 -13.40 -31.33
C ASN A 883 -15.36 -13.80 -29.97
N SER A 884 -14.03 -13.76 -29.82
CA SER A 884 -13.45 -14.03 -28.52
C SER A 884 -13.86 -12.99 -27.48
N ILE A 885 -13.85 -11.71 -27.87
CA ILE A 885 -14.12 -10.63 -26.92
C ILE A 885 -15.60 -10.60 -26.56
N ASN A 886 -16.45 -10.30 -27.56
CA ASN A 886 -17.88 -10.17 -27.30
C ASN A 886 -18.48 -11.48 -26.81
N GLY A 887 -17.90 -12.61 -27.20
CA GLY A 887 -18.41 -13.89 -26.75
C GLY A 887 -18.23 -14.10 -25.26
N ASN A 888 -17.11 -13.61 -24.71
CA ASN A 888 -16.79 -13.81 -23.30
C ASN A 888 -17.23 -12.65 -22.42
N GLY A 889 -17.90 -11.65 -22.98
CA GLY A 889 -18.28 -10.48 -22.21
C GLY A 889 -17.12 -9.63 -21.76
N PHE A 890 -16.11 -9.46 -22.62
CA PHE A 890 -14.96 -8.62 -22.31
C PHE A 890 -15.00 -7.28 -23.02
N SER A 891 -16.11 -6.96 -23.70
CA SER A 891 -16.17 -5.74 -24.49
C SER A 891 -16.14 -4.48 -23.62
N VAL A 892 -16.56 -4.58 -22.35
CA VAL A 892 -16.54 -3.41 -21.49
C VAL A 892 -15.11 -3.00 -21.18
N ILE A 893 -14.19 -3.95 -21.05
CA ILE A 893 -12.79 -3.62 -20.83
C ILE A 893 -12.25 -2.81 -22.00
N TYR A 894 -12.50 -3.29 -23.22
CA TYR A 894 -12.07 -2.57 -24.42
C TYR A 894 -12.73 -1.20 -24.50
N LEU A 895 -14.01 -1.11 -24.14
CA LEU A 895 -14.72 0.16 -24.24
C LEU A 895 -14.16 1.18 -23.24
N ILE A 896 -13.86 0.75 -22.02
CA ILE A 896 -13.29 1.66 -21.04
C ILE A 896 -11.92 2.12 -21.48
N ALA A 897 -11.09 1.19 -21.97
CA ALA A 897 -9.78 1.59 -22.46
C ALA A 897 -9.91 2.56 -23.62
N GLN A 898 -10.86 2.30 -24.52
CA GLN A 898 -11.09 3.17 -25.66
C GLN A 898 -11.48 4.58 -25.22
N LYS A 899 -12.38 4.67 -24.24
CA LYS A 899 -12.80 6.00 -23.76
C LYS A 899 -11.65 6.73 -23.09
N LEU A 900 -10.88 6.03 -22.25
CA LEU A 900 -9.76 6.68 -21.57
C LEU A 900 -8.73 7.20 -22.58
N VAL A 901 -8.39 6.37 -23.56
CA VAL A 901 -7.40 6.78 -24.55
C VAL A 901 -7.95 7.88 -25.44
N HIS A 902 -9.23 7.81 -25.78
CA HIS A 902 -9.84 8.85 -26.60
C HIS A 902 -9.83 10.19 -25.89
N LYS A 903 -10.19 10.21 -24.60
CA LYS A 903 -10.13 11.45 -23.85
C LYS A 903 -8.69 11.94 -23.70
N SER A 904 -7.74 11.04 -23.50
CA SER A 904 -6.34 11.44 -23.45
C SER A 904 -5.89 12.08 -24.75
N ASN A 905 -6.30 11.50 -25.88
CA ASN A 905 -5.91 12.04 -27.18
C ASN A 905 -6.56 13.39 -27.44
N GLU A 906 -7.81 13.56 -27.01
CA GLU A 906 -8.46 14.86 -27.17
C GLU A 906 -7.68 15.95 -26.45
N ASP A 907 -7.22 15.67 -25.23
CA ASP A 907 -6.41 16.62 -24.48
C ASP A 907 -5.02 16.78 -25.07
N GLY A 908 -4.65 15.95 -26.03
CA GLY A 908 -3.38 16.10 -26.72
C GLY A 908 -2.25 15.29 -26.11
N TYR A 909 -2.56 14.07 -25.69
CA TYR A 909 -1.58 13.21 -25.05
C TYR A 909 -1.58 11.84 -25.73
N LEU A 910 -0.41 11.30 -26.02
CA LEU A 910 -0.40 9.93 -26.60
C LEU A 910 -0.40 8.95 -25.43
N VAL A 911 -1.14 7.86 -25.56
CA VAL A 911 -1.13 6.83 -24.49
C VAL A 911 -0.36 5.63 -25.02
N GLY A 912 0.70 5.23 -24.34
CA GLY A 912 1.41 4.01 -24.72
C GLY A 912 0.81 2.85 -24.00
N SER A 913 1.40 1.68 -24.12
CA SER A 913 0.83 0.47 -23.52
C SER A 913 1.93 -0.37 -22.93
N ARG A 914 1.58 -1.20 -21.98
CA ARG A 914 2.51 -2.16 -21.41
C ARG A 914 1.76 -3.47 -21.52
N GLY A 915 2.44 -4.58 -21.69
CA GLY A 915 1.83 -5.88 -21.81
C GLY A 915 1.46 -6.26 -23.23
N SER A 916 0.33 -6.93 -23.40
CA SER A 916 -0.01 -7.57 -24.66
C SER A 916 -1.25 -6.97 -25.33
N VAL A 917 -1.64 -5.74 -24.96
CA VAL A 917 -2.79 -5.14 -25.63
C VAL A 917 -2.50 -4.91 -27.10
N GLY A 918 -1.26 -4.56 -27.43
CA GLY A 918 -0.88 -4.32 -28.81
C GLY A 918 -1.01 -5.53 -29.70
N SER A 919 -1.18 -6.72 -29.12
CA SER A 919 -1.42 -7.93 -29.89
C SER A 919 -2.84 -8.00 -30.45
N SER A 920 -3.71 -7.06 -30.08
CA SER A 920 -5.09 -7.08 -30.50
C SER A 920 -5.29 -6.10 -31.65
N PHE A 921 -5.84 -6.60 -32.76
CA PHE A 921 -6.17 -5.71 -33.88
C PHE A 921 -7.42 -4.91 -33.59
N VAL A 922 -8.33 -5.43 -32.75
CA VAL A 922 -9.45 -4.62 -32.28
C VAL A 922 -8.95 -3.48 -31.41
N ALA A 923 -7.89 -3.71 -30.64
CA ALA A 923 -7.26 -2.62 -29.88
C ALA A 923 -6.62 -1.60 -30.81
N THR A 924 -6.11 -2.02 -31.96
CA THR A 924 -5.55 -1.08 -32.92
C THR A 924 -6.65 -0.26 -33.59
N MET A 925 -7.75 -0.92 -33.98
CA MET A 925 -8.80 -0.24 -34.72
C MET A 925 -9.65 0.64 -33.81
N THR A 926 -9.90 0.19 -32.59
CA THR A 926 -10.61 1.02 -31.63
C THR A 926 -9.79 2.21 -31.15
N GLY A 927 -8.49 2.23 -31.47
CA GLY A 927 -7.63 3.33 -31.09
C GLY A 927 -6.89 3.17 -29.78
N ILE A 928 -7.07 2.04 -29.10
CA ILE A 928 -6.44 1.85 -27.80
C ILE A 928 -4.93 1.81 -27.93
N THR A 929 -4.43 1.07 -28.91
CA THR A 929 -3.00 0.83 -29.05
C THR A 929 -2.52 1.32 -30.41
N GLU A 930 -1.25 1.72 -30.46
CA GLU A 930 -0.59 2.11 -31.69
C GLU A 930 0.07 0.94 -32.40
N VAL A 931 0.23 -0.20 -31.73
CA VAL A 931 0.90 -1.36 -32.30
C VAL A 931 -0.06 -2.07 -33.23
N ASN A 932 0.35 -2.27 -34.48
CA ASN A 932 -0.44 -3.02 -35.45
C ASN A 932 0.04 -4.46 -35.45
N PRO A 933 -0.74 -5.41 -34.93
CA PRO A 933 -0.27 -6.79 -34.87
C PRO A 933 -0.44 -7.57 -36.16
N LEU A 934 -0.97 -6.96 -37.21
CA LEU A 934 -1.14 -7.65 -38.48
C LEU A 934 0.22 -8.00 -39.07
N ALA A 935 0.19 -8.90 -40.05
CA ALA A 935 1.42 -9.27 -40.75
C ALA A 935 1.95 -8.05 -41.48
N PRO A 936 3.26 -8.03 -41.77
CA PRO A 936 3.83 -6.89 -42.50
C PRO A 936 3.04 -6.62 -43.77
N HIS A 937 2.86 -5.35 -44.08
CA HIS A 937 2.00 -5.05 -45.22
C HIS A 937 2.12 -3.59 -45.61
N TYR A 938 1.70 -3.31 -46.84
CA TYR A 938 1.47 -1.96 -47.34
C TYR A 938 -0.02 -1.70 -47.36
N TYR A 939 -0.40 -0.45 -47.11
CA TYR A 939 -1.75 0.02 -47.40
C TYR A 939 -1.65 1.45 -47.91
N CYS A 940 -2.60 1.82 -48.77
CA CYS A 940 -2.56 3.14 -49.38
C CYS A 940 -3.42 4.10 -48.57
N PRO A 941 -2.86 5.20 -48.09
CA PRO A 941 -3.69 6.18 -47.37
C PRO A 941 -4.81 6.77 -48.22
N GLU A 942 -4.66 6.79 -49.54
CA GLU A 942 -5.63 7.46 -50.41
C GLU A 942 -6.70 6.51 -50.93
N CYS A 943 -6.28 5.48 -51.67
CA CYS A 943 -7.24 4.62 -52.37
C CYS A 943 -7.55 3.33 -51.62
N GLN A 944 -6.94 3.09 -50.46
CA GLN A 944 -7.20 1.94 -49.60
C GLN A 944 -6.59 0.65 -50.13
N TYR A 945 -5.70 0.71 -51.12
CA TYR A 945 -5.03 -0.49 -51.58
C TYR A 945 -4.19 -1.09 -50.46
N SER A 946 -4.11 -2.42 -50.45
CA SER A 946 -3.35 -3.10 -49.41
C SER A 946 -2.70 -4.35 -49.97
N GLU A 947 -1.60 -4.74 -49.35
CA GLU A 947 -0.82 -5.91 -49.77
C GLU A 947 -0.12 -6.48 -48.55
N PHE A 948 -0.36 -7.75 -48.26
CA PHE A 948 0.15 -8.38 -47.05
C PHE A 948 1.22 -9.40 -47.38
N PHE A 949 2.13 -9.59 -46.43
CA PHE A 949 3.25 -10.54 -46.56
C PHE A 949 3.18 -11.47 -45.35
N GLU A 950 2.42 -12.55 -45.49
CA GLU A 950 2.26 -13.54 -44.43
C GLU A 950 3.26 -14.68 -44.57
N ASP A 951 4.29 -14.51 -45.39
CA ASP A 951 5.28 -15.55 -45.65
C ASP A 951 6.48 -15.49 -44.72
N GLY A 952 6.51 -14.54 -43.79
CA GLY A 952 7.65 -14.44 -42.89
C GLY A 952 8.90 -13.88 -43.52
N THR A 953 8.77 -13.14 -44.61
CA THR A 953 9.93 -12.57 -45.29
C THR A 953 10.43 -11.30 -44.63
N TYR A 954 9.58 -10.60 -43.89
CA TYR A 954 9.94 -9.37 -43.18
C TYR A 954 9.54 -9.49 -41.72
N GLY A 955 10.41 -9.02 -40.83
CA GLY A 955 10.07 -9.02 -39.42
C GLY A 955 8.95 -8.05 -39.09
N SER A 956 8.97 -6.88 -39.72
CA SER A 956 7.95 -5.86 -39.51
C SER A 956 7.64 -5.21 -40.84
N GLY A 957 6.46 -4.60 -40.93
CA GLY A 957 6.16 -3.78 -42.09
C GLY A 957 7.05 -2.57 -42.20
N PHE A 958 7.66 -2.14 -41.09
CA PHE A 958 8.55 -1.00 -41.11
C PHE A 958 9.84 -1.32 -41.87
N ASP A 959 10.30 -2.56 -41.81
CA ASP A 959 11.51 -2.99 -42.49
C ASP A 959 11.29 -3.18 -43.99
N MET A 960 10.05 -3.21 -44.45
CA MET A 960 9.78 -3.35 -45.86
C MET A 960 10.29 -2.12 -46.63
N PRO A 961 10.75 -2.31 -47.86
CA PRO A 961 11.25 -1.18 -48.64
C PRO A 961 10.13 -0.23 -49.04
N GLU A 962 10.53 1.01 -49.31
CA GLU A 962 9.57 2.01 -49.77
C GLU A 962 8.95 1.59 -51.10
N LYS A 963 7.66 1.88 -51.25
CA LYS A 963 6.93 1.46 -52.44
C LYS A 963 5.81 2.47 -52.69
N GLN A 964 5.37 2.52 -53.95
CA GLN A 964 4.30 3.40 -54.36
C GLN A 964 3.10 2.56 -54.78
N CYS A 965 1.91 3.13 -54.61
CA CYS A 965 0.69 2.37 -54.82
C CYS A 965 0.58 1.94 -56.29
N PRO A 966 0.34 0.66 -56.56
CA PRO A 966 0.04 0.28 -57.95
C PRO A 966 -1.20 0.96 -58.51
N LYS A 967 -2.22 1.16 -57.67
CA LYS A 967 -3.48 1.71 -58.15
C LYS A 967 -3.42 3.21 -58.44
N CYS A 968 -2.63 3.96 -57.66
CA CYS A 968 -2.54 5.40 -57.83
C CYS A 968 -1.11 5.83 -57.54
N GLY A 969 -0.88 7.13 -57.50
CA GLY A 969 0.46 7.67 -57.34
C GLY A 969 0.93 7.89 -55.92
N ALA A 970 0.08 7.64 -54.93
CA ALA A 970 0.44 7.91 -53.55
C ALA A 970 1.39 6.84 -53.02
N ARG A 971 2.20 7.24 -52.04
CA ARG A 971 3.10 6.31 -51.40
C ARG A 971 2.34 5.37 -50.48
N LEU A 972 2.92 4.19 -50.25
CA LEU A 972 2.30 3.15 -49.46
C LEU A 972 2.83 3.21 -48.03
N ASN A 973 1.92 3.23 -47.06
CA ASN A 973 2.30 3.16 -45.66
C ASN A 973 2.50 1.69 -45.28
N LYS A 974 3.65 1.39 -44.68
CA LYS A 974 3.98 0.03 -44.28
C LYS A 974 3.74 -0.13 -42.78
N ASP A 975 3.07 -1.21 -42.42
CA ASP A 975 2.71 -1.46 -41.03
C ASP A 975 2.76 -2.97 -40.77
N GLY A 976 2.36 -3.35 -39.56
CA GLY A 976 2.26 -4.74 -39.18
C GLY A 976 3.52 -5.29 -38.56
N HIS A 977 3.39 -5.98 -37.42
CA HIS A 977 4.52 -6.55 -36.72
C HIS A 977 4.38 -8.04 -36.46
N ASP A 978 3.33 -8.69 -36.96
CA ASP A 978 3.17 -10.13 -36.85
C ASP A 978 3.11 -10.58 -35.39
N ILE A 979 2.16 -9.99 -34.65
CA ILE A 979 1.94 -10.29 -33.24
C ILE A 979 0.60 -11.02 -33.13
N PRO A 980 0.59 -12.32 -32.84
CA PRO A 980 -0.68 -13.04 -32.71
C PRO A 980 -1.47 -12.53 -31.52
N PHE A 981 -2.80 -12.56 -31.67
CA PHE A 981 -3.68 -12.16 -30.58
C PHE A 981 -3.74 -13.20 -29.48
N GLU A 982 -3.30 -14.43 -29.74
CA GLU A 982 -3.34 -15.48 -28.73
C GLU A 982 -2.51 -15.12 -27.53
N THR A 983 -1.47 -14.30 -27.70
CA THR A 983 -0.66 -13.86 -26.57
C THR A 983 -1.47 -13.00 -25.61
N PHE A 984 -2.49 -12.31 -26.11
CA PHE A 984 -3.30 -11.42 -25.30
C PHE A 984 -4.56 -12.10 -24.77
N LEU A 985 -5.31 -12.76 -25.65
CA LEU A 985 -6.54 -13.43 -25.27
C LEU A 985 -6.33 -14.92 -25.02
N GLY A 986 -5.10 -15.40 -25.06
CA GLY A 986 -4.83 -16.81 -24.88
C GLY A 986 -5.43 -17.63 -26.00
N PHE A 987 -5.03 -18.89 -26.11
CA PHE A 987 -5.67 -19.77 -27.07
C PHE A 987 -7.13 -19.97 -26.69
N HIS A 988 -8.01 -19.92 -27.69
CA HIS A 988 -9.46 -19.97 -27.55
C HIS A 988 -10.03 -18.61 -27.15
N GLY A 989 -9.20 -17.61 -26.91
CA GLY A 989 -9.69 -16.27 -26.63
C GLY A 989 -10.44 -16.09 -25.34
N ASP A 990 -10.39 -17.07 -24.44
CA ASP A 990 -11.15 -17.00 -23.19
C ASP A 990 -10.48 -16.15 -22.13
N LYS A 991 -9.22 -15.77 -22.33
CA LYS A 991 -8.49 -15.04 -21.31
C LYS A 991 -9.05 -13.62 -21.15
N VAL A 992 -9.00 -13.13 -19.92
CA VAL A 992 -9.48 -11.76 -19.65
C VAL A 992 -8.49 -10.77 -20.25
N PRO A 993 -8.92 -9.85 -21.10
CA PRO A 993 -8.00 -8.84 -21.62
C PRO A 993 -7.41 -8.00 -20.50
N ASP A 994 -6.13 -7.66 -20.63
CA ASP A 994 -5.42 -6.84 -19.67
C ASP A 994 -4.73 -5.71 -20.42
N ILE A 995 -5.19 -4.49 -20.19
CA ILE A 995 -4.75 -3.32 -20.97
C ILE A 995 -4.15 -2.33 -19.99
N ASP A 996 -2.83 -2.36 -19.86
CA ASP A 996 -2.11 -1.41 -19.01
C ASP A 996 -1.70 -0.27 -19.90
N LEU A 997 -2.08 0.95 -19.57
CA LEU A 997 -1.83 2.07 -20.49
C LEU A 997 -0.92 3.06 -19.80
N ASN A 998 0.16 3.45 -20.46
CA ASN A 998 1.11 4.42 -19.90
C ASN A 998 0.64 5.78 -20.36
N PHE A 999 -0.22 6.42 -19.58
CA PHE A 999 -0.69 7.78 -19.87
C PHE A 999 0.41 8.69 -19.39
N SER A 1000 0.34 9.97 -19.70
CA SER A 1000 1.43 10.87 -19.32
C SER A 1000 1.41 10.99 -17.82
N GLY A 1001 2.51 11.42 -17.24
CA GLY A 1001 2.50 11.66 -15.81
C GLY A 1001 1.61 12.83 -15.43
N ASP A 1002 1.55 13.85 -16.29
CA ASP A 1002 0.68 14.99 -16.02
C ASP A 1002 -0.78 14.61 -16.08
N TYR A 1003 -1.15 13.74 -17.02
CA TYR A 1003 -2.55 13.44 -17.30
C TYR A 1003 -3.12 12.30 -16.46
N GLN A 1004 -2.30 11.63 -15.64
CA GLN A 1004 -2.79 10.45 -14.93
C GLN A 1004 -3.95 10.80 -14.01
N ALA A 1005 -3.86 11.93 -13.30
CA ALA A 1005 -4.96 12.34 -12.43
C ALA A 1005 -6.23 12.58 -13.23
N GLU A 1006 -6.11 13.17 -14.42
CA GLU A 1006 -7.29 13.38 -15.25
C GLU A 1006 -7.91 12.06 -15.66
N ALA A 1007 -7.11 11.06 -15.99
CA ALA A 1007 -7.65 9.75 -16.34
C ALA A 1007 -8.35 9.10 -15.15
N HIS A 1008 -7.78 9.24 -13.95
CA HIS A 1008 -8.43 8.71 -12.77
C HIS A 1008 -9.78 9.38 -12.53
N ASN A 1009 -9.81 10.72 -12.61
CA ASN A 1009 -11.06 11.44 -12.45
C ASN A 1009 -12.05 11.09 -13.54
N TYR A 1010 -11.57 10.77 -14.74
CA TYR A 1010 -12.48 10.36 -15.80
C TYR A 1010 -13.08 8.99 -15.52
N THR A 1011 -12.32 8.08 -14.91
CA THR A 1011 -12.93 6.84 -14.44
C THR A 1011 -14.01 7.14 -13.41
N LYS A 1012 -13.73 8.07 -12.49
CA LYS A 1012 -14.73 8.47 -11.50
C LYS A 1012 -16.01 8.96 -12.19
N VAL A 1013 -15.85 9.76 -13.24
CA VAL A 1013 -17.02 10.23 -13.99
C VAL A 1013 -17.73 9.08 -14.68
N LEU A 1014 -16.97 8.18 -15.30
CA LEU A 1014 -17.57 7.08 -16.05
C LEU A 1014 -18.42 6.19 -15.16
N PHE A 1015 -17.93 5.87 -13.96
CA PHE A 1015 -18.61 4.91 -13.11
C PHE A 1015 -19.13 5.47 -11.80
N GLY A 1016 -18.91 6.74 -11.51
CA GLY A 1016 -19.43 7.32 -10.30
C GLY A 1016 -18.41 7.35 -9.18
N GLU A 1017 -18.53 8.35 -8.31
CA GLU A 1017 -17.57 8.54 -7.24
C GLU A 1017 -17.62 7.42 -6.21
N ASP A 1018 -18.71 6.65 -6.15
CA ASP A 1018 -18.90 5.63 -5.13
C ASP A 1018 -18.57 4.23 -5.61
N TYR A 1019 -18.06 4.07 -6.84
CA TYR A 1019 -17.79 2.76 -7.39
C TYR A 1019 -16.37 2.61 -7.94
N VAL A 1020 -15.55 3.65 -7.85
CA VAL A 1020 -14.16 3.59 -8.28
C VAL A 1020 -13.29 3.87 -7.07
N TYR A 1021 -12.30 3.00 -6.83
CA TYR A 1021 -11.40 3.15 -5.70
C TYR A 1021 -9.97 2.92 -6.16
N ARG A 1022 -9.07 3.78 -5.71
CA ARG A 1022 -7.65 3.52 -5.97
C ARG A 1022 -7.29 2.17 -5.40
N ALA A 1023 -6.62 1.34 -6.20
CA ALA A 1023 -6.19 0.04 -5.70
C ALA A 1023 -5.21 0.23 -4.55
N GLY A 1024 -5.37 -0.58 -3.51
CA GLY A 1024 -4.57 -0.45 -2.30
C GLY A 1024 -3.52 -1.53 -2.21
N THR A 1025 -2.35 -1.15 -1.73
CA THR A 1025 -1.24 -2.06 -1.50
C THR A 1025 -0.90 -2.05 -0.02
N ILE A 1026 -0.39 -3.18 0.48
CA ILE A 1026 0.07 -3.30 1.85
C ILE A 1026 1.58 -3.40 1.83
N GLY A 1027 2.26 -2.40 2.39
CA GLY A 1027 3.71 -2.43 2.49
C GLY A 1027 4.12 -3.05 3.80
N THR A 1028 4.99 -4.04 3.72
CA THR A 1028 5.41 -4.81 4.88
C THR A 1028 6.86 -4.49 5.22
N VAL A 1029 7.34 -5.14 6.29
CA VAL A 1029 8.74 -5.02 6.70
C VAL A 1029 9.57 -5.91 5.80
N ALA A 1030 10.42 -5.31 4.97
CA ALA A 1030 11.28 -6.04 4.07
C ALA A 1030 12.66 -6.21 4.71
N ASP A 1031 13.59 -6.78 3.95
CA ASP A 1031 14.88 -7.17 4.52
C ASP A 1031 15.66 -5.98 5.06
N LYS A 1032 15.67 -4.86 4.32
CA LYS A 1032 16.40 -3.69 4.80
C LYS A 1032 15.83 -3.17 6.11
N THR A 1033 14.51 -2.99 6.14
CA THR A 1033 13.86 -2.50 7.36
C THR A 1033 14.01 -3.48 8.51
N ALA A 1034 13.87 -4.78 8.23
CA ALA A 1034 14.00 -5.77 9.29
C ALA A 1034 15.41 -5.78 9.85
N TYR A 1035 16.42 -5.68 8.97
CA TYR A 1035 17.80 -5.61 9.43
C TYR A 1035 18.04 -4.39 10.29
N GLY A 1036 17.50 -3.24 9.87
CA GLY A 1036 17.61 -2.04 10.69
C GLY A 1036 16.95 -2.21 12.04
N TYR A 1037 15.79 -2.87 12.08
CA TYR A 1037 15.11 -3.10 13.34
C TYR A 1037 15.95 -3.97 14.26
N VAL A 1038 16.54 -5.04 13.72
CA VAL A 1038 17.38 -5.91 14.53
C VAL A 1038 18.60 -5.17 15.05
N LYS A 1039 19.23 -4.36 14.18
CA LYS A 1039 20.41 -3.62 14.60
C LYS A 1039 20.07 -2.61 15.70
N GLY A 1040 18.96 -1.89 15.54
CA GLY A 1040 18.55 -0.95 16.58
C GLY A 1040 18.22 -1.66 17.88
N TYR A 1041 17.58 -2.82 17.80
CA TYR A 1041 17.26 -3.58 19.00
C TYR A 1041 18.54 -4.01 19.72
N GLU A 1042 19.51 -4.54 18.97
CA GLU A 1042 20.75 -4.99 19.60
C GLU A 1042 21.56 -3.82 20.14
N ARG A 1043 21.43 -2.65 19.54
CA ARG A 1043 22.11 -1.47 20.09
C ARG A 1043 21.45 -1.02 21.38
N ASP A 1044 20.11 -0.94 21.40
CA ASP A 1044 19.41 -0.51 22.61
C ASP A 1044 19.64 -1.48 23.76
N ASN A 1045 19.56 -2.78 23.48
CA ASN A 1045 19.75 -3.80 24.51
C ASN A 1045 21.20 -4.20 24.69
N ASN A 1046 22.12 -3.60 23.94
CA ASN A 1046 23.56 -3.77 24.15
C ASN A 1046 23.98 -5.23 24.10
N LEU A 1047 23.49 -5.96 23.09
CA LEU A 1047 23.92 -7.32 22.83
C LEU A 1047 24.91 -7.34 21.66
N GLN A 1048 25.44 -8.53 21.40
CA GLN A 1048 26.31 -8.78 20.25
C GLN A 1048 25.81 -10.03 19.55
N PHE A 1049 24.96 -9.85 18.55
CA PHE A 1049 24.39 -10.96 17.80
C PHE A 1049 25.37 -11.42 16.74
N ARG A 1050 25.36 -12.72 16.45
CA ARG A 1050 26.19 -13.24 15.35
C ARG A 1050 25.46 -12.98 14.05
N SER A 1051 26.18 -12.68 12.99
CA SER A 1051 25.58 -12.29 11.71
C SER A 1051 24.47 -13.25 11.31
N ALA A 1052 24.67 -14.55 11.52
CA ALA A 1052 23.63 -15.52 11.20
C ALA A 1052 22.42 -15.34 12.11
N GLU A 1053 22.63 -15.10 13.40
CA GLU A 1053 21.41 -14.87 14.21
C GLU A 1053 20.77 -13.62 13.64
N VAL A 1054 21.52 -12.55 13.56
CA VAL A 1054 20.88 -11.33 13.10
C VAL A 1054 20.03 -11.59 11.86
N ASP A 1055 20.50 -12.50 11.04
CA ASP A 1055 19.79 -12.74 9.76
C ASP A 1055 18.55 -13.56 10.05
N ARG A 1056 18.60 -14.44 11.03
CA ARG A 1056 17.42 -15.18 11.42
C ARG A 1056 16.38 -14.27 12.07
N LEU A 1057 16.83 -13.37 12.94
CA LEU A 1057 15.89 -12.43 13.57
C LEU A 1057 15.27 -11.51 12.54
N ALA A 1058 16.05 -11.08 11.54
CA ALA A 1058 15.51 -10.26 10.47
C ALA A 1058 14.46 -11.05 9.67
N LYS A 1059 14.73 -12.32 9.40
CA LYS A 1059 13.76 -13.14 8.69
C LYS A 1059 12.46 -13.28 9.46
N GLY A 1060 12.57 -13.50 10.77
CA GLY A 1060 11.36 -13.70 11.57
C GLY A 1060 10.45 -12.50 11.59
N ALA A 1061 11.04 -11.30 11.56
CA ALA A 1061 10.27 -10.06 11.62
C ALA A 1061 9.91 -9.52 10.26
N THR A 1062 10.27 -10.21 9.19
CA THR A 1062 9.96 -9.76 7.84
C THR A 1062 8.57 -10.23 7.41
N GLY A 1063 7.92 -9.42 6.60
CA GLY A 1063 6.57 -9.71 6.14
C GLY A 1063 5.47 -9.14 7.00
N VAL A 1064 5.80 -8.58 8.16
CA VAL A 1064 4.81 -7.97 9.03
C VAL A 1064 4.32 -6.68 8.40
N LYS A 1065 3.01 -6.48 8.39
CA LYS A 1065 2.45 -5.26 7.82
C LYS A 1065 3.06 -4.04 8.49
N ARG A 1066 3.46 -3.07 7.67
CA ARG A 1066 4.08 -1.85 8.16
C ARG A 1066 3.31 -0.60 7.78
N THR A 1067 2.62 -0.59 6.65
CA THR A 1067 1.84 0.56 6.23
C THR A 1067 0.94 0.12 5.08
N THR A 1068 0.05 1.02 4.68
CA THR A 1068 -0.75 0.83 3.48
C THR A 1068 -0.52 2.00 2.54
N GLY A 1069 -0.38 1.69 1.26
CA GLY A 1069 -0.28 2.72 0.24
C GLY A 1069 -1.24 2.42 -0.90
N GLN A 1070 -1.04 3.14 -1.99
CA GLN A 1070 -1.87 3.02 -3.18
C GLN A 1070 -1.09 2.30 -4.26
N HIS A 1071 -1.76 1.66 -5.21
CA HIS A 1071 -1.08 1.05 -6.36
C HIS A 1071 -0.71 2.18 -7.29
N PRO A 1072 0.37 2.15 -8.10
CA PRO A 1072 0.74 3.32 -8.92
C PRO A 1072 -0.33 3.82 -9.92
N GLY A 1073 -0.97 2.92 -10.66
CA GLY A 1073 -1.96 3.27 -11.71
C GLY A 1073 -3.24 2.45 -11.63
N GLY A 1074 -3.47 1.73 -10.53
CA GLY A 1074 -4.62 0.82 -10.48
C GLY A 1074 -5.90 1.43 -9.93
N ILE A 1075 -6.95 1.54 -10.75
CA ILE A 1075 -8.26 1.98 -10.24
C ILE A 1075 -9.14 0.75 -10.25
N ILE A 1076 -9.85 0.48 -9.17
CA ILE A 1076 -10.69 -0.72 -9.06
C ILE A 1076 -12.11 -0.25 -9.30
N VAL A 1077 -12.83 -0.88 -10.21
CA VAL A 1077 -14.19 -0.42 -10.58
C VAL A 1077 -15.19 -1.45 -10.10
N ILE A 1078 -16.19 -1.02 -9.36
CA ILE A 1078 -17.20 -1.94 -8.80
C ILE A 1078 -18.45 -1.85 -9.66
N PRO A 1079 -19.00 -2.98 -10.12
CA PRO A 1079 -20.23 -2.94 -10.87
C PRO A 1079 -21.36 -2.16 -10.19
N ASP A 1080 -22.05 -1.25 -10.89
CA ASP A 1080 -23.06 -0.40 -10.27
C ASP A 1080 -24.23 -1.18 -9.69
N TYR A 1081 -24.37 -2.46 -9.99
CA TYR A 1081 -25.41 -3.27 -9.39
C TYR A 1081 -24.96 -3.93 -8.10
N MET A 1082 -23.73 -3.68 -7.66
CA MET A 1082 -23.21 -4.14 -6.38
C MET A 1082 -22.69 -2.93 -5.61
N ASP A 1083 -22.09 -3.19 -4.46
CA ASP A 1083 -21.40 -2.17 -3.70
C ASP A 1083 -20.01 -2.67 -3.32
N VAL A 1084 -19.13 -1.75 -2.96
CA VAL A 1084 -17.75 -2.11 -2.67
C VAL A 1084 -17.68 -3.09 -1.52
N TYR A 1085 -18.64 -3.02 -0.58
CA TYR A 1085 -18.61 -3.88 0.59
C TYR A 1085 -18.95 -5.32 0.29
N ASP A 1086 -19.40 -5.64 -0.93
CA ASP A 1086 -19.48 -7.03 -1.34
C ASP A 1086 -18.11 -7.60 -1.65
N PHE A 1087 -17.09 -6.77 -1.81
CA PHE A 1087 -15.77 -7.22 -2.20
C PHE A 1087 -14.70 -6.91 -1.15
N THR A 1088 -14.69 -5.71 -0.59
CA THR A 1088 -13.60 -5.31 0.30
C THR A 1088 -14.08 -4.14 1.15
N PRO A 1089 -13.48 -3.93 2.31
CA PRO A 1089 -13.59 -2.63 2.97
C PRO A 1089 -12.74 -1.60 2.23
N ILE A 1090 -12.96 -0.34 2.56
CA ILE A 1090 -12.22 0.76 1.96
C ILE A 1090 -11.49 1.53 3.05
N GLN A 1091 -10.56 2.38 2.63
CA GLN A 1091 -9.79 3.18 3.56
C GLN A 1091 -9.13 4.32 2.79
N TYR A 1092 -8.32 5.07 3.49
CA TYR A 1092 -7.49 6.07 2.87
C TYR A 1092 -6.05 5.58 2.83
N PRO A 1093 -5.34 5.80 1.73
CA PRO A 1093 -3.95 5.33 1.65
C PRO A 1093 -3.11 5.96 2.76
N ALA A 1094 -2.37 5.11 3.47
CA ALA A 1094 -1.56 5.53 4.60
C ALA A 1094 -2.39 6.21 5.69
N ASP A 1095 -3.71 5.93 5.71
CA ASP A 1095 -4.62 6.51 6.68
C ASP A 1095 -4.63 8.03 6.62
N ASP A 1096 -4.35 8.60 5.46
CA ASP A 1096 -4.37 10.04 5.26
C ASP A 1096 -5.80 10.46 4.92
N GLN A 1097 -6.48 11.09 5.88
CA GLN A 1097 -7.86 11.47 5.68
C GLN A 1097 -8.04 12.59 4.67
N ASN A 1098 -6.96 13.27 4.30
CA ASN A 1098 -7.02 14.31 3.27
C ASN A 1098 -6.88 13.75 1.87
N SER A 1099 -6.72 12.44 1.73
CA SER A 1099 -6.58 11.84 0.42
C SER A 1099 -7.82 12.08 -0.42
N GLU A 1100 -7.60 12.42 -1.70
CA GLU A 1100 -8.73 12.67 -2.59
C GLU A 1100 -9.40 11.37 -3.02
N TRP A 1101 -8.67 10.27 -3.02
CA TRP A 1101 -9.18 8.98 -3.43
C TRP A 1101 -9.19 8.03 -2.24
N LYS A 1102 -10.14 7.11 -2.25
CA LYS A 1102 -10.16 6.00 -1.31
C LYS A 1102 -9.58 4.76 -1.97
N THR A 1103 -8.80 4.01 -1.21
CA THR A 1103 -8.24 2.75 -1.67
C THR A 1103 -9.03 1.59 -1.08
N THR A 1104 -8.87 0.43 -1.71
CA THR A 1104 -9.48 -0.78 -1.20
C THR A 1104 -8.70 -1.30 0.00
N HIS A 1105 -9.42 -1.75 1.02
CA HIS A 1105 -8.76 -2.29 2.20
C HIS A 1105 -7.96 -3.54 1.88
N PHE A 1106 -8.54 -4.43 1.08
CA PHE A 1106 -7.83 -5.64 0.67
C PHE A 1106 -6.76 -5.30 -0.36
N ASP A 1107 -5.67 -6.07 -0.34
CA ASP A 1107 -4.68 -5.98 -1.41
C ASP A 1107 -5.34 -6.36 -2.73
N PHE A 1108 -5.04 -5.59 -3.78
CA PHE A 1108 -5.74 -5.79 -5.04
C PHE A 1108 -5.56 -7.19 -5.60
N HIS A 1109 -4.50 -7.89 -5.21
CA HIS A 1109 -4.29 -9.24 -5.71
C HIS A 1109 -5.43 -10.17 -5.31
N SER A 1110 -6.09 -9.89 -4.19
CA SER A 1110 -7.16 -10.74 -3.70
C SER A 1110 -8.50 -10.45 -4.34
N ILE A 1111 -8.62 -9.38 -5.12
CA ILE A 1111 -9.91 -8.94 -5.63
C ILE A 1111 -9.87 -8.66 -7.12
N HIS A 1112 -8.67 -8.56 -7.70
CA HIS A 1112 -8.59 -8.18 -9.11
C HIS A 1112 -9.07 -9.28 -10.05
N ASP A 1113 -9.28 -10.50 -9.56
CA ASP A 1113 -9.92 -11.53 -10.34
C ASP A 1113 -11.44 -11.42 -10.34
N ASN A 1114 -12.00 -10.56 -9.48
CA ASN A 1114 -13.44 -10.41 -9.35
C ASN A 1114 -13.96 -9.03 -9.72
N VAL A 1115 -13.10 -8.02 -9.80
CA VAL A 1115 -13.47 -6.71 -10.29
C VAL A 1115 -12.37 -6.22 -11.22
N LEU A 1116 -12.70 -5.22 -12.04
CA LEU A 1116 -11.74 -4.67 -12.98
C LEU A 1116 -10.72 -3.79 -12.26
N LYS A 1117 -9.45 -4.02 -12.55
CA LYS A 1117 -8.37 -3.14 -12.10
C LYS A 1117 -7.80 -2.45 -13.33
N LEU A 1118 -8.22 -1.22 -13.56
CA LEU A 1118 -7.69 -0.39 -14.64
C LEU A 1118 -6.29 0.08 -14.28
N ASP A 1119 -5.29 -0.41 -14.98
CA ASP A 1119 -3.91 0.04 -14.78
C ASP A 1119 -3.72 1.30 -15.63
N ILE A 1120 -3.98 2.44 -15.02
CA ILE A 1120 -3.78 3.73 -15.67
C ILE A 1120 -2.50 4.34 -15.11
N LEU A 1121 -1.41 3.92 -15.69
CA LEU A 1121 -0.10 4.27 -15.15
C LEU A 1121 0.39 5.53 -15.79
N GLY A 1122 1.41 6.10 -15.21
CA GLY A 1122 2.00 7.35 -15.72
C GLY A 1122 3.39 7.07 -16.19
N HIS A 1123 3.73 7.60 -17.35
CA HIS A 1123 5.08 7.39 -17.93
C HIS A 1123 5.51 8.75 -18.44
N ASP A 1124 6.80 9.00 -18.38
CA ASP A 1124 7.39 10.23 -18.85
C ASP A 1124 7.45 10.34 -20.36
N ASP A 1125 7.30 9.22 -21.07
CA ASP A 1125 7.41 9.27 -22.53
C ASP A 1125 6.29 10.08 -23.17
N PRO A 1126 5.02 9.83 -22.85
CA PRO A 1126 3.97 10.67 -23.37
C PRO A 1126 4.16 12.15 -22.99
N THR A 1127 4.69 12.48 -21.81
CA THR A 1127 4.99 13.85 -21.42
C THR A 1127 6.06 14.46 -22.31
N VAL A 1128 7.13 13.71 -22.57
CA VAL A 1128 8.22 14.20 -23.40
C VAL A 1128 7.74 14.41 -24.83
N ILE A 1129 6.94 13.49 -25.35
CA ILE A 1129 6.45 13.63 -26.72
C ILE A 1129 5.49 14.81 -26.83
N ARG A 1130 4.66 15.03 -25.81
CA ARG A 1130 3.78 16.19 -25.82
C ARG A 1130 4.58 17.49 -25.79
N MET A 1131 5.65 17.53 -24.97
CA MET A 1131 6.49 18.72 -24.96
C MET A 1131 7.17 18.93 -26.30
N LEU A 1132 7.64 17.85 -26.93
CA LEU A 1132 8.28 17.97 -28.24
C LEU A 1132 7.29 18.48 -29.28
N GLN A 1133 6.05 17.99 -29.23
CA GLN A 1133 5.02 18.50 -30.14
C GLN A 1133 4.74 19.97 -29.88
N ASP A 1134 4.72 20.37 -28.61
CA ASP A 1134 4.51 21.78 -28.29
C ASP A 1134 5.64 22.65 -28.84
N LEU A 1135 6.89 22.20 -28.68
CA LEU A 1135 8.05 22.98 -29.06
C LEU A 1135 8.27 23.04 -30.57
N SER A 1136 7.58 22.21 -31.36
CA SER A 1136 7.84 22.11 -32.78
C SER A 1136 6.59 22.10 -33.65
N GLY A 1137 5.40 21.90 -33.07
CA GLY A 1137 4.19 21.82 -33.84
C GLY A 1137 3.97 20.51 -34.57
N ILE A 1138 5.03 19.73 -34.77
CA ILE A 1138 4.90 18.43 -35.42
C ILE A 1138 3.95 17.55 -34.62
N ASP A 1139 3.00 16.94 -35.31
CA ASP A 1139 2.10 16.00 -34.66
C ASP A 1139 2.85 14.71 -34.35
N PRO A 1140 2.76 14.20 -33.12
CA PRO A 1140 3.56 13.02 -32.76
C PRO A 1140 3.30 11.82 -33.66
N GLN A 1141 2.07 11.65 -34.14
CA GLN A 1141 1.74 10.47 -34.92
C GLN A 1141 2.21 10.57 -36.38
N THR A 1142 2.58 11.76 -36.85
CA THR A 1142 3.10 11.91 -38.20
C THR A 1142 4.60 11.64 -38.29
N ILE A 1143 5.25 11.37 -37.17
CA ILE A 1143 6.70 11.13 -37.17
C ILE A 1143 6.98 9.80 -37.86
N PRO A 1144 7.91 9.75 -38.81
CA PRO A 1144 8.27 8.47 -39.44
C PRO A 1144 9.03 7.58 -38.48
N THR A 1145 8.46 6.43 -38.14
CA THR A 1145 9.12 5.46 -37.29
C THR A 1145 9.94 4.46 -38.08
N ASP A 1146 9.96 4.57 -39.40
CA ASP A 1146 10.80 3.73 -40.26
C ASP A 1146 11.94 4.51 -40.89
N ASP A 1147 12.22 5.70 -40.39
CA ASP A 1147 13.27 6.52 -40.99
C ASP A 1147 14.62 5.81 -40.89
N PRO A 1148 15.36 5.70 -42.00
CA PRO A 1148 16.68 5.05 -41.91
C PRO A 1148 17.71 5.85 -41.12
N GLU A 1149 17.70 7.18 -41.25
CA GLU A 1149 18.70 7.98 -40.57
C GLU A 1149 18.59 7.85 -39.05
N VAL A 1150 17.37 7.83 -38.52
CA VAL A 1150 17.18 7.66 -37.09
C VAL A 1150 17.76 6.33 -36.63
N MET A 1151 17.82 5.28 -37.46
CA MET A 1151 18.46 4.01 -37.00
C MET A 1151 20.02 4.06 -36.94
N ARG A 1152 20.58 5.07 -37.59
CA ARG A 1152 22.07 5.22 -37.55
C ARG A 1152 22.49 5.51 -36.11
N ILE A 1153 21.64 6.15 -35.32
CA ILE A 1153 21.95 6.48 -33.89
C ILE A 1153 22.10 5.16 -33.13
N PHE A 1154 21.19 4.22 -33.36
CA PHE A 1154 21.28 2.88 -32.74
C PHE A 1154 22.58 2.22 -33.19
N ALA A 1155 22.98 2.42 -34.44
CA ALA A 1155 24.31 1.86 -34.82
C ALA A 1155 25.50 2.50 -34.08
N GLY A 1156 25.85 3.76 -34.31
CA GLY A 1156 27.00 4.54 -33.83
C GLY A 1156 26.61 5.97 -33.56
N PRO A 1157 27.52 6.80 -33.03
CA PRO A 1157 27.17 8.13 -32.66
C PRO A 1157 27.34 9.13 -33.81
N GLU A 1158 27.78 8.67 -34.97
CA GLU A 1158 28.11 9.59 -36.09
C GLU A 1158 26.90 10.37 -36.61
N VAL A 1159 25.74 9.82 -36.48
CA VAL A 1159 24.60 10.54 -37.10
C VAL A 1159 24.43 11.81 -36.28
N LEU A 1160 24.67 11.70 -34.99
CA LEU A 1160 24.54 12.85 -34.08
C LEU A 1160 25.58 13.89 -34.47
N GLY A 1161 26.78 13.48 -34.89
CA GLY A 1161 27.85 14.45 -35.19
C GLY A 1161 28.93 14.45 -34.13
N VAL A 1162 29.13 13.43 -33.50
CA VAL A 1162 30.11 13.35 -32.38
C VAL A 1162 30.76 11.98 -32.47
N SER A 1163 31.83 11.76 -31.69
CA SER A 1163 32.58 10.47 -31.73
C SER A 1163 32.37 9.69 -30.42
N GLN A 1164 32.81 8.44 -30.40
CA GLN A 1164 32.69 7.62 -29.16
C GLN A 1164 33.49 8.29 -28.06
N GLU A 1165 34.66 8.84 -28.43
CA GLU A 1165 35.55 9.48 -27.43
C GLU A 1165 34.85 10.67 -26.78
N GLN A 1166 34.10 11.45 -27.56
CA GLN A 1166 33.47 12.67 -27.01
C GLN A 1166 32.18 12.36 -26.23
N ILE A 1167 31.41 11.32 -26.57
CA ILE A 1167 30.13 11.12 -25.84
C ILE A 1167 30.28 9.95 -24.89
N TYR A 1168 31.40 9.34 -24.68
CA TYR A 1168 31.64 8.19 -23.81
C TYR A 1168 30.67 7.04 -24.09
N SER A 1169 29.99 7.08 -25.28
CA SER A 1169 29.11 5.92 -25.61
C SER A 1169 29.28 5.52 -27.07
N LYS A 1170 29.35 4.23 -27.34
CA LYS A 1170 29.43 3.78 -28.74
C LYS A 1170 28.13 4.13 -29.45
N THR A 1171 26.99 3.93 -28.80
CA THR A 1171 25.67 4.17 -29.44
C THR A 1171 25.19 5.58 -29.15
N GLY A 1172 24.46 6.22 -30.18
CA GLY A 1172 23.91 7.57 -29.98
C GLY A 1172 22.54 7.50 -29.34
N THR A 1173 22.24 6.41 -28.66
CA THR A 1173 20.97 6.21 -27.98
C THR A 1173 20.97 6.73 -26.55
N LEU A 1174 21.84 7.70 -26.22
CA LEU A 1174 21.81 8.29 -24.90
C LEU A 1174 20.56 9.14 -24.74
N GLY A 1175 19.84 8.93 -23.64
CA GLY A 1175 18.60 9.64 -23.41
C GLY A 1175 17.42 9.08 -24.16
N ILE A 1176 17.60 8.01 -24.92
CA ILE A 1176 16.50 7.33 -25.60
C ILE A 1176 15.90 6.33 -24.62
N PRO A 1177 14.59 6.39 -24.35
CA PRO A 1177 14.00 5.48 -23.37
C PRO A 1177 14.27 4.02 -23.70
N GLU A 1178 14.72 3.27 -22.71
CA GLU A 1178 14.95 1.83 -22.77
C GLU A 1178 16.18 1.46 -23.60
N PHE A 1179 16.91 2.42 -24.15
CA PHE A 1179 18.08 2.11 -24.95
C PHE A 1179 19.33 2.89 -24.54
N GLY A 1180 19.22 3.85 -23.64
CA GLY A 1180 20.36 4.62 -23.18
C GLY A 1180 21.12 4.03 -22.03
N THR A 1181 20.68 2.90 -21.48
CA THR A 1181 21.37 2.28 -20.37
C THR A 1181 22.65 1.61 -20.84
N ARG A 1182 23.62 1.51 -19.94
CA ARG A 1182 24.92 0.94 -20.30
C ARG A 1182 24.79 -0.52 -20.72
N PHE A 1183 23.91 -1.27 -20.05
CA PHE A 1183 23.71 -2.68 -20.44
C PHE A 1183 23.18 -2.71 -21.86
N VAL A 1184 22.07 -2.04 -22.09
CA VAL A 1184 21.45 -2.07 -23.41
C VAL A 1184 22.38 -1.47 -24.46
N ARG A 1185 23.14 -0.44 -24.08
CA ARG A 1185 24.09 0.13 -25.03
C ARG A 1185 25.18 -0.87 -25.40
N GLY A 1186 25.64 -1.65 -24.42
CA GLY A 1186 26.60 -2.69 -24.74
C GLY A 1186 26.03 -3.77 -25.63
N MET A 1187 24.77 -4.15 -25.37
CA MET A 1187 24.12 -5.13 -26.25
C MET A 1187 23.98 -4.58 -27.67
N LEU A 1188 23.61 -3.30 -27.81
CA LEU A 1188 23.50 -2.70 -29.12
C LEU A 1188 24.85 -2.66 -29.82
N GLU A 1189 25.92 -2.35 -29.08
CA GLU A 1189 27.25 -2.33 -29.66
C GLU A 1189 27.66 -3.72 -30.13
N GLU A 1190 27.27 -4.75 -29.39
CA GLU A 1190 27.62 -6.12 -29.76
C GLU A 1190 26.73 -6.70 -30.84
N THR A 1191 25.57 -6.09 -31.12
CA THR A 1191 24.64 -6.64 -32.10
C THR A 1191 24.40 -5.74 -33.31
N HIS A 1192 24.57 -4.42 -33.17
CA HIS A 1192 24.39 -3.49 -34.27
C HIS A 1192 23.04 -3.69 -34.97
N PRO A 1193 21.93 -3.45 -34.28
CA PRO A 1193 20.62 -3.57 -34.94
C PRO A 1193 20.45 -2.54 -36.04
N THR A 1194 19.68 -2.92 -37.07
CA THR A 1194 19.43 -2.02 -38.20
C THR A 1194 17.99 -2.07 -38.68
N THR A 1195 17.09 -2.71 -37.95
CA THR A 1195 15.69 -2.81 -38.36
C THR A 1195 14.80 -2.78 -37.14
N PHE A 1196 13.52 -2.47 -37.36
CA PHE A 1196 12.55 -2.45 -36.28
C PHE A 1196 12.43 -3.82 -35.61
N ALA A 1197 12.47 -4.89 -36.41
CA ALA A 1197 12.42 -6.24 -35.83
C ALA A 1197 13.61 -6.46 -34.91
N GLU A 1198 14.79 -6.01 -35.31
CA GLU A 1198 15.97 -6.18 -34.45
C GLU A 1198 15.88 -5.31 -33.20
N LEU A 1199 15.25 -4.14 -33.29
CA LEU A 1199 15.04 -3.34 -32.09
C LEU A 1199 14.09 -4.03 -31.11
N LEU A 1200 13.02 -4.65 -31.63
CA LEU A 1200 12.16 -5.45 -30.77
C LEU A 1200 12.93 -6.59 -30.14
N GLN A 1201 13.89 -7.30 -30.95
CA GLN A 1201 14.74 -8.34 -30.42
C GLN A 1201 15.62 -7.81 -29.29
N ILE A 1202 16.27 -6.69 -29.56
CA ILE A 1202 17.20 -6.12 -28.55
C ILE A 1202 16.41 -5.93 -27.26
N SER A 1203 15.17 -5.47 -27.36
CA SER A 1203 14.33 -5.23 -26.15
C SER A 1203 14.06 -6.56 -25.44
N GLY A 1204 13.61 -7.57 -26.18
CA GLY A 1204 13.29 -8.86 -25.57
C GLY A 1204 14.49 -9.49 -24.90
N LEU A 1205 15.69 -8.96 -25.15
CA LEU A 1205 16.93 -9.54 -24.58
C LEU A 1205 17.38 -8.66 -23.41
N SER A 1206 17.32 -7.36 -23.57
CA SER A 1206 17.68 -6.42 -22.48
C SER A 1206 16.69 -6.59 -21.34
N HIS A 1207 15.53 -7.20 -21.61
CA HIS A 1207 14.61 -7.24 -20.48
C HIS A 1207 14.27 -8.65 -20.02
N GLY A 1208 14.33 -9.59 -20.84
CA GLY A 1208 14.05 -10.94 -20.44
C GLY A 1208 15.04 -11.47 -19.44
N THR A 1209 14.73 -12.64 -18.89
CA THR A 1209 15.56 -13.31 -17.90
C THR A 1209 16.16 -14.56 -18.50
N ASP A 1210 17.49 -14.59 -18.54
CA ASP A 1210 18.21 -15.77 -19.06
C ASP A 1210 18.05 -15.85 -20.57
N VAL A 1211 18.00 -14.70 -21.24
CA VAL A 1211 17.72 -14.73 -22.69
C VAL A 1211 18.98 -14.25 -23.42
N TRP A 1212 19.83 -13.49 -22.75
CA TRP A 1212 21.02 -12.92 -23.46
C TRP A 1212 22.32 -13.30 -22.78
N LEU A 1213 22.35 -13.27 -21.45
CA LEU A 1213 23.65 -13.47 -20.78
C LEU A 1213 24.23 -14.83 -21.15
N GLY A 1214 23.46 -15.89 -21.06
CA GLY A 1214 24.06 -17.22 -21.33
C GLY A 1214 23.38 -17.95 -22.45
N ASN A 1215 22.39 -17.34 -23.08
CA ASN A 1215 21.60 -18.06 -24.11
C ASN A 1215 21.89 -17.47 -25.48
N ALA A 1216 21.95 -16.15 -25.60
CA ALA A 1216 22.06 -15.60 -26.96
C ALA A 1216 23.29 -14.74 -27.16
N GLU A 1217 23.93 -14.31 -26.09
CA GLU A 1217 25.12 -13.48 -26.39
C GLU A 1217 26.05 -14.40 -27.17
N GLU A 1218 26.21 -15.62 -26.68
CA GLU A 1218 27.13 -16.57 -27.32
C GLU A 1218 26.63 -16.95 -28.71
N LEU A 1219 25.36 -17.30 -28.83
CA LEU A 1219 24.91 -17.79 -30.15
C LEU A 1219 25.24 -16.70 -31.16
N ILE A 1220 25.04 -15.45 -30.80
CA ILE A 1220 25.27 -14.38 -31.80
C ILE A 1220 26.77 -14.24 -32.03
N ARG A 1221 27.57 -14.29 -30.96
CA ARG A 1221 29.03 -14.05 -31.10
C ARG A 1221 29.64 -15.12 -31.97
N ARG A 1222 29.11 -16.34 -31.94
CA ARG A 1222 29.76 -17.46 -32.69
C ARG A 1222 29.05 -17.72 -34.03
N GLY A 1223 28.05 -16.92 -34.40
CA GLY A 1223 27.43 -17.09 -35.69
C GLY A 1223 26.43 -18.22 -35.78
N ASP A 1224 26.10 -18.85 -34.65
CA ASP A 1224 25.07 -19.90 -34.68
C ASP A 1224 23.74 -19.33 -35.15
N ALA A 1225 23.38 -18.14 -34.65
CA ALA A 1225 22.18 -17.44 -35.08
C ALA A 1225 22.46 -15.95 -35.12
N THR A 1226 21.76 -15.26 -36.00
CA THR A 1226 21.84 -13.81 -36.05
C THR A 1226 20.93 -13.21 -34.98
N LEU A 1227 21.07 -11.90 -34.77
CA LEU A 1227 20.21 -11.22 -33.80
C LEU A 1227 18.75 -11.43 -34.15
N ALA A 1228 18.41 -11.37 -35.44
CA ALA A 1228 17.02 -11.53 -35.86
C ALA A 1228 16.50 -12.95 -35.66
N GLU A 1229 17.36 -13.93 -35.38
CA GLU A 1229 16.93 -15.32 -35.27
C GLU A 1229 16.75 -15.79 -33.83
N VAL A 1230 17.50 -15.22 -32.88
CA VAL A 1230 17.41 -15.68 -31.50
C VAL A 1230 16.04 -15.39 -30.93
N ILE A 1231 15.76 -16.01 -29.79
CA ILE A 1231 14.47 -15.86 -29.11
C ILE A 1231 14.51 -14.58 -28.27
N GLY A 1232 13.86 -13.53 -28.75
CA GLY A 1232 13.79 -12.29 -28.00
C GLY A 1232 12.52 -12.13 -27.18
N CYS A 1233 11.36 -12.28 -27.82
CA CYS A 1233 10.07 -12.10 -27.18
C CYS A 1233 9.27 -13.40 -27.25
N ARG A 1234 8.29 -13.53 -26.35
CA ARG A 1234 7.52 -14.80 -26.26
C ARG A 1234 6.69 -15.04 -27.52
N ASP A 1235 6.19 -13.98 -28.14
CA ASP A 1235 5.42 -14.17 -29.37
C ASP A 1235 6.28 -14.73 -30.49
N ASP A 1236 7.58 -14.43 -30.47
CA ASP A 1236 8.46 -14.90 -31.52
C ASP A 1236 8.54 -16.42 -31.55
N ILE A 1237 8.48 -17.06 -30.39
CA ILE A 1237 8.53 -18.53 -30.36
C ILE A 1237 7.36 -19.11 -31.12
N MET A 1238 6.15 -18.62 -30.83
CA MET A 1238 4.97 -19.12 -31.53
C MET A 1238 5.05 -18.80 -33.02
N VAL A 1239 5.46 -17.59 -33.36
CA VAL A 1239 5.53 -17.20 -34.77
C VAL A 1239 6.49 -18.10 -35.52
N TYR A 1240 7.67 -18.34 -34.94
CA TYR A 1240 8.69 -19.17 -35.59
C TYR A 1240 8.22 -20.61 -35.73
N LEU A 1241 7.64 -21.17 -34.66
CA LEU A 1241 7.19 -22.56 -34.74
C LEU A 1241 6.06 -22.72 -35.75
N ILE A 1242 5.14 -21.75 -35.80
CA ILE A 1242 4.06 -21.82 -36.79
C ILE A 1242 4.62 -21.72 -38.20
N HIS A 1243 5.69 -20.93 -38.39
CA HIS A 1243 6.37 -20.87 -39.71
C HIS A 1243 7.17 -22.15 -39.92
N ALA A 1244 7.71 -22.73 -38.84
CA ALA A 1244 8.46 -24.01 -38.94
C ALA A 1244 7.52 -25.11 -39.42
N GLY A 1245 6.25 -25.07 -39.01
CA GLY A 1245 5.27 -26.06 -39.51
C GLY A 1245 4.54 -26.80 -38.40
N LEU A 1246 4.80 -26.47 -37.14
CA LEU A 1246 4.06 -27.08 -36.00
C LEU A 1246 2.63 -26.52 -36.00
N ASP A 1247 1.71 -27.26 -35.38
CA ASP A 1247 0.30 -26.81 -35.28
C ASP A 1247 0.24 -25.58 -34.35
N SER A 1248 -0.75 -24.72 -34.55
CA SER A 1248 -0.82 -23.48 -33.74
C SER A 1248 -0.94 -23.89 -32.28
N GLY A 1249 -1.70 -24.95 -32.00
CA GLY A 1249 -1.86 -25.44 -30.63
C GLY A 1249 -0.56 -25.91 -30.03
N MET A 1250 0.33 -26.51 -30.84
CA MET A 1250 1.56 -27.07 -30.25
C MET A 1250 2.50 -25.91 -29.90
N ALA A 1251 2.64 -24.95 -30.81
CA ALA A 1251 3.55 -23.82 -30.56
C ALA A 1251 3.02 -23.02 -29.38
N PHE A 1252 1.70 -22.84 -29.30
CA PHE A 1252 1.19 -21.98 -28.19
C PHE A 1252 1.62 -22.63 -26.88
N LYS A 1253 1.35 -23.93 -26.74
CA LYS A 1253 1.69 -24.62 -25.48
C LYS A 1253 3.20 -24.55 -25.25
N ILE A 1254 3.99 -24.83 -26.28
CA ILE A 1254 5.48 -24.83 -26.10
C ILE A 1254 5.94 -23.41 -25.77
N MET A 1255 5.36 -22.41 -26.44
CA MET A 1255 5.77 -21.00 -26.21
C MET A 1255 5.46 -20.62 -24.75
N GLU A 1256 4.33 -21.09 -24.23
CA GLU A 1256 4.00 -20.83 -22.82
C GLU A 1256 5.03 -21.55 -21.95
N THR A 1257 5.26 -22.84 -22.21
CA THR A 1257 6.19 -23.54 -21.34
C THR A 1257 7.53 -22.82 -21.26
N VAL A 1258 8.03 -22.34 -22.39
CA VAL A 1258 9.34 -21.68 -22.40
C VAL A 1258 9.28 -20.34 -21.68
N ARG A 1259 8.26 -19.54 -21.97
CA ARG A 1259 8.18 -18.21 -21.38
C ARG A 1259 8.04 -18.27 -19.86
N LYS A 1260 7.45 -19.34 -19.35
CA LYS A 1260 7.33 -19.54 -17.91
C LYS A 1260 8.54 -20.25 -17.32
N GLY A 1261 9.58 -20.45 -18.18
CA GLY A 1261 10.74 -21.17 -17.67
C GLY A 1261 10.40 -22.55 -17.16
N GLN A 1262 9.42 -23.21 -17.75
CA GLN A 1262 9.00 -24.54 -17.33
C GLN A 1262 9.55 -25.64 -18.23
N TRP A 1263 10.44 -25.30 -19.16
CA TRP A 1263 11.00 -26.32 -20.06
C TRP A 1263 11.55 -27.50 -19.26
N ASN A 1264 12.33 -27.21 -18.23
CA ASN A 1264 12.82 -28.26 -17.34
C ASN A 1264 11.75 -28.72 -16.36
N LYS A 1265 10.82 -27.96 -15.88
CA LYS A 1265 9.84 -28.30 -14.87
C LYS A 1265 8.72 -29.20 -15.40
N ILE A 1266 8.50 -29.21 -16.71
CA ILE A 1266 7.45 -30.04 -17.29
C ILE A 1266 7.88 -31.50 -17.24
N PRO A 1267 6.93 -32.45 -17.20
CA PRO A 1267 7.30 -33.87 -17.14
C PRO A 1267 8.12 -34.28 -18.36
N ASP A 1268 8.62 -35.51 -18.31
CA ASP A 1268 9.40 -36.03 -19.42
C ASP A 1268 8.55 -36.27 -20.65
N GLU A 1269 7.30 -36.70 -20.47
CA GLU A 1269 6.44 -36.98 -21.61
C GLU A 1269 6.16 -35.71 -22.42
N LEU A 1270 5.80 -34.63 -21.74
CA LEU A 1270 5.53 -33.38 -22.42
C LEU A 1270 6.78 -32.85 -23.13
N ARG A 1271 7.87 -32.82 -22.39
CA ARG A 1271 9.09 -32.28 -23.00
C ARG A 1271 9.29 -33.14 -24.24
N GLU A 1272 9.02 -34.43 -24.09
CA GLU A 1272 9.31 -35.33 -25.22
C GLU A 1272 8.44 -34.95 -26.42
N THR A 1273 7.15 -34.72 -26.20
CA THR A 1273 6.28 -34.48 -27.37
C THR A 1273 6.77 -33.21 -28.06
N TYR A 1274 7.08 -32.18 -27.27
CA TYR A 1274 7.48 -30.90 -27.87
C TYR A 1274 8.76 -31.09 -28.67
N LEU A 1275 9.72 -31.81 -28.10
CA LEU A 1275 11.03 -31.95 -28.78
C LEU A 1275 10.79 -32.71 -30.07
N SER A 1276 9.95 -33.73 -30.01
CA SER A 1276 9.72 -34.58 -31.20
C SER A 1276 9.13 -33.70 -32.30
N ALA A 1277 8.16 -32.87 -31.92
CA ALA A 1277 7.49 -32.08 -32.96
C ALA A 1277 8.49 -31.07 -33.51
N MET A 1278 9.26 -30.44 -32.64
CA MET A 1278 10.16 -29.43 -33.20
C MET A 1278 11.17 -30.07 -34.16
N LYS A 1279 11.83 -31.15 -33.73
CA LYS A 1279 12.83 -31.78 -34.57
C LYS A 1279 12.24 -32.36 -35.84
N GLU A 1280 10.98 -32.81 -35.78
CA GLU A 1280 10.35 -33.35 -36.98
C GLU A 1280 10.16 -32.28 -38.04
N ASN A 1281 10.15 -31.00 -37.65
CA ASN A 1281 9.87 -29.91 -38.56
C ASN A 1281 11.12 -29.11 -38.91
N ASN A 1282 12.31 -29.63 -38.62
CA ASN A 1282 13.57 -28.97 -38.98
C ASN A 1282 13.83 -27.75 -38.10
N VAL A 1283 13.48 -27.84 -36.82
CA VAL A 1283 13.80 -26.78 -35.87
C VAL A 1283 15.22 -27.02 -35.35
N PRO A 1284 16.15 -26.09 -35.57
CA PRO A 1284 17.55 -26.34 -35.23
C PRO A 1284 17.78 -26.82 -33.81
N ASP A 1285 18.98 -27.33 -33.53
CA ASP A 1285 19.31 -27.77 -32.17
C ASP A 1285 19.58 -26.57 -31.28
N TRP A 1286 20.22 -25.53 -31.80
CA TRP A 1286 20.50 -24.36 -30.99
C TRP A 1286 19.21 -23.68 -30.55
N TYR A 1287 18.16 -23.75 -31.37
CA TYR A 1287 16.88 -23.19 -30.96
C TYR A 1287 16.30 -23.92 -29.76
N ILE A 1288 16.48 -25.22 -29.66
CA ILE A 1288 15.84 -25.91 -28.50
C ILE A 1288 16.72 -25.69 -27.27
N ASP A 1289 18.01 -25.60 -27.51
CA ASP A 1289 18.95 -25.35 -26.39
C ASP A 1289 18.61 -24.01 -25.77
N SER A 1290 18.29 -23.02 -26.61
CA SER A 1290 17.96 -21.68 -26.11
C SER A 1290 16.69 -21.81 -25.27
N CYS A 1291 15.69 -22.50 -25.79
CA CYS A 1291 14.42 -22.59 -25.07
C CYS A 1291 14.74 -23.14 -23.70
N SER A 1292 15.70 -24.04 -23.60
CA SER A 1292 15.92 -24.72 -22.31
C SER A 1292 16.44 -23.74 -21.25
N LYS A 1293 17.08 -22.65 -21.66
CA LYS A 1293 17.73 -21.80 -20.64
C LYS A 1293 16.91 -20.55 -20.34
N ILE A 1294 15.69 -20.43 -20.84
CA ILE A 1294 14.96 -19.14 -20.68
C ILE A 1294 14.08 -19.18 -19.44
N LYS A 1295 14.28 -18.26 -18.51
CA LYS A 1295 13.46 -18.13 -17.31
C LYS A 1295 12.22 -17.27 -17.54
N TYR A 1296 12.43 -16.00 -17.92
CA TYR A 1296 11.23 -15.24 -18.32
C TYR A 1296 11.50 -14.47 -19.60
N MET A 1297 10.38 -14.40 -20.42
CA MET A 1297 10.42 -13.66 -21.69
C MET A 1297 9.16 -12.78 -21.75
N PHE A 1298 9.26 -11.65 -22.20
CA PHE A 1298 8.09 -10.73 -22.18
C PHE A 1298 7.49 -10.60 -23.57
N PRO A 1299 6.25 -10.10 -23.70
CA PRO A 1299 5.54 -10.07 -24.99
C PRO A 1299 6.14 -9.25 -26.15
N LYS A 1300 5.80 -9.45 -27.36
CA LYS A 1300 6.24 -8.67 -28.51
C LYS A 1300 5.52 -7.32 -28.59
N ALA A 1301 4.16 -7.26 -28.29
CA ALA A 1301 3.43 -6.00 -28.34
C ALA A 1301 4.00 -4.98 -27.37
N HIS A 1302 4.45 -5.35 -26.15
CA HIS A 1302 5.12 -4.49 -25.18
C HIS A 1302 6.35 -3.83 -25.80
N ALA A 1303 7.21 -4.65 -26.40
CA ALA A 1303 8.42 -4.14 -27.04
C ALA A 1303 8.09 -3.22 -28.20
N ALA A 1304 7.05 -3.56 -28.98
CA ALA A 1304 6.69 -2.73 -30.11
C ALA A 1304 6.25 -1.34 -29.66
N ALA A 1305 5.42 -1.27 -28.60
CA ALA A 1305 4.98 0.02 -28.10
C ALA A 1305 6.16 0.84 -27.58
N TYR A 1306 7.07 0.20 -26.86
CA TYR A 1306 8.18 0.94 -26.26
C TYR A 1306 9.16 1.36 -27.34
N VAL A 1307 9.33 0.55 -28.36
CA VAL A 1307 10.22 0.91 -29.47
C VAL A 1307 9.61 2.03 -30.30
N LEU A 1308 8.29 2.01 -30.47
CA LEU A 1308 7.64 3.11 -31.20
C LEU A 1308 7.84 4.43 -30.48
N MET A 1309 7.73 4.42 -29.06
CA MET A 1309 7.98 5.65 -28.31
C MET A 1309 9.44 6.08 -28.42
N ALA A 1310 10.37 5.13 -28.30
CA ALA A 1310 11.79 5.45 -28.38
C ALA A 1310 12.15 6.01 -29.75
N LEU A 1311 11.60 5.45 -30.81
CA LEU A 1311 11.88 5.96 -32.16
C LEU A 1311 11.31 7.34 -32.35
N ARG A 1312 10.12 7.60 -31.80
CA ARG A 1312 9.53 8.92 -31.90
C ARG A 1312 10.40 9.97 -31.20
N VAL A 1313 10.95 9.60 -30.05
CA VAL A 1313 11.85 10.52 -29.34
C VAL A 1313 13.17 10.68 -30.09
N ALA A 1314 13.69 9.58 -30.65
CA ALA A 1314 14.97 9.62 -31.34
C ALA A 1314 14.89 10.44 -32.62
N TYR A 1315 13.73 10.46 -33.27
CA TYR A 1315 13.56 11.32 -34.43
C TYR A 1315 13.88 12.77 -34.08
N PHE A 1316 13.32 13.26 -32.97
CA PHE A 1316 13.61 14.62 -32.54
C PHE A 1316 15.05 14.76 -32.08
N LYS A 1317 15.59 13.73 -31.44
CA LYS A 1317 16.99 13.79 -31.02
C LYS A 1317 17.91 14.00 -32.22
N VAL A 1318 17.57 13.40 -33.36
CA VAL A 1318 18.42 13.46 -34.53
C VAL A 1318 18.18 14.72 -35.35
N TYR A 1319 16.92 15.05 -35.61
CA TYR A 1319 16.60 16.17 -36.49
C TYR A 1319 16.35 17.48 -35.77
N PHE A 1320 15.95 17.44 -34.50
CA PHE A 1320 15.72 18.65 -33.70
C PHE A 1320 16.46 18.50 -32.38
N PRO A 1321 17.80 18.49 -32.42
CA PRO A 1321 18.54 18.22 -31.19
C PRO A 1321 18.22 19.18 -30.05
N ILE A 1322 18.06 20.47 -30.34
CA ILE A 1322 17.78 21.42 -29.27
C ILE A 1322 16.45 21.13 -28.63
N LEU A 1323 15.42 20.85 -29.44
CA LEU A 1323 14.11 20.53 -28.89
C LEU A 1323 14.17 19.25 -28.06
N TYR A 1324 14.86 18.23 -28.56
CA TYR A 1324 14.94 16.97 -27.83
C TYR A 1324 15.62 17.17 -26.48
N TYR A 1325 16.75 17.88 -26.47
CA TYR A 1325 17.46 18.09 -25.21
C TYR A 1325 16.65 18.93 -24.24
N CYS A 1326 15.98 19.97 -24.74
CA CYS A 1326 15.12 20.76 -23.88
C CYS A 1326 14.04 19.91 -23.25
N ALA A 1327 13.37 19.09 -24.05
CA ALA A 1327 12.30 18.24 -23.52
C ALA A 1327 12.85 17.23 -22.52
N TYR A 1328 14.00 16.62 -22.82
CA TYR A 1328 14.56 15.63 -21.92
C TYR A 1328 14.89 16.24 -20.57
N PHE A 1329 15.59 17.38 -20.57
CA PHE A 1329 15.96 17.99 -19.31
C PHE A 1329 14.73 18.50 -18.56
N SER A 1330 13.77 19.08 -19.27
CA SER A 1330 12.59 19.61 -18.61
C SER A 1330 11.75 18.50 -17.96
N VAL A 1331 11.61 17.36 -18.63
CA VAL A 1331 10.73 16.31 -18.17
C VAL A 1331 11.48 15.26 -17.36
N ARG A 1332 12.60 14.75 -17.88
CA ARG A 1332 13.21 13.56 -17.31
C ARG A 1332 14.33 13.85 -16.32
N ALA A 1333 15.01 14.97 -16.43
CA ALA A 1333 16.13 15.28 -15.55
C ALA A 1333 15.65 16.12 -14.38
N ASP A 1334 16.02 15.72 -13.17
CA ASP A 1334 15.60 16.40 -11.96
C ASP A 1334 16.75 16.91 -11.09
N ASP A 1335 17.92 16.30 -11.16
CA ASP A 1335 19.06 16.69 -10.33
C ASP A 1335 20.18 17.19 -11.24
N PHE A 1336 20.35 18.50 -11.31
CA PHE A 1336 21.37 19.13 -12.13
C PHE A 1336 22.41 19.80 -11.24
N ASP A 1337 23.68 19.57 -11.55
CA ASP A 1337 24.72 20.45 -11.01
C ASP A 1337 24.56 21.85 -11.55
N LEU A 1338 24.48 21.99 -12.86
CA LEU A 1338 24.21 23.26 -13.55
C LEU A 1338 25.42 24.19 -13.50
N VAL A 1339 26.39 23.89 -12.66
CA VAL A 1339 27.61 24.70 -12.59
C VAL A 1339 28.64 24.22 -13.59
N SER A 1340 28.96 22.92 -13.53
CA SER A 1340 29.75 22.33 -14.60
C SER A 1340 29.02 22.40 -15.92
N MET A 1341 27.70 22.20 -15.88
CA MET A 1341 26.89 22.30 -17.10
C MET A 1341 27.01 23.69 -17.71
N CYS A 1342 26.87 24.73 -16.88
CA CYS A 1342 26.97 26.09 -17.39
C CYS A 1342 28.40 26.45 -17.79
N LYS A 1343 29.40 25.81 -17.17
CA LYS A 1343 30.78 26.09 -17.53
C LYS A 1343 31.09 25.64 -18.95
N GLY A 1344 30.75 24.40 -19.27
CA GLY A 1344 31.03 23.86 -20.59
C GLY A 1344 31.35 22.38 -20.49
N LYS A 1345 31.94 21.87 -21.57
CA LYS A 1345 32.17 20.43 -21.68
C LYS A 1345 33.18 19.94 -20.66
N ASP A 1346 34.21 20.74 -20.37
CA ASP A 1346 35.29 20.28 -19.50
C ASP A 1346 34.79 20.02 -18.08
N ALA A 1347 33.99 20.94 -17.54
CA ALA A 1347 33.46 20.75 -16.19
C ALA A 1347 32.52 19.56 -16.13
N VAL A 1348 31.69 19.38 -17.16
CA VAL A 1348 30.79 18.23 -17.19
C VAL A 1348 31.60 16.94 -17.21
N LYS A 1349 32.71 16.96 -17.94
CA LYS A 1349 33.53 15.73 -18.07
C LYS A 1349 34.18 15.46 -16.73
N GLN A 1350 34.63 16.51 -16.06
CA GLN A 1350 35.25 16.33 -14.75
C GLN A 1350 34.26 15.76 -13.74
N ALA A 1351 33.03 16.26 -13.74
CA ALA A 1351 32.01 15.71 -12.84
C ALA A 1351 31.72 14.26 -13.18
N MET A 1352 31.62 13.93 -14.47
CA MET A 1352 31.39 12.55 -14.87
C MET A 1352 32.53 11.66 -14.39
N LYS A 1353 33.77 12.14 -14.50
CA LYS A 1353 34.91 11.36 -14.06
C LYS A 1353 34.90 11.16 -12.56
N GLU A 1354 34.50 12.19 -11.81
CA GLU A 1354 34.37 12.03 -10.36
C GLU A 1354 33.37 10.94 -10.02
N ILE A 1355 32.19 10.99 -10.64
CA ILE A 1355 31.17 9.98 -10.36
C ILE A 1355 31.65 8.60 -10.77
N THR A 1356 32.32 8.50 -11.92
CA THR A 1356 32.80 7.21 -12.40
C THR A 1356 33.89 6.64 -11.49
N ASP A 1357 34.81 7.48 -11.03
CA ASP A 1357 35.85 7.04 -10.12
C ASP A 1357 35.32 6.75 -8.72
N LYS A 1358 34.12 7.25 -8.40
CA LYS A 1358 33.47 6.80 -7.19
C LYS A 1358 33.18 5.30 -7.25
N GLY A 1359 33.17 4.71 -8.44
CA GLY A 1359 33.10 3.27 -8.58
C GLY A 1359 31.70 2.72 -8.51
N LEU A 1360 31.61 1.39 -8.57
CA LEU A 1360 30.33 0.71 -8.49
C LEU A 1360 29.57 1.09 -7.23
N ASP A 1361 30.30 1.39 -6.15
CA ASP A 1361 29.68 1.79 -4.88
C ASP A 1361 29.40 3.28 -4.91
N ALA A 1362 28.31 3.65 -5.58
CA ALA A 1362 27.89 5.04 -5.70
C ALA A 1362 26.42 5.15 -5.37
N SER A 1363 26.04 6.32 -4.85
CA SER A 1363 24.67 6.53 -4.42
C SER A 1363 23.72 6.66 -5.61
N VAL A 1364 22.44 6.41 -5.34
CA VAL A 1364 21.42 6.56 -6.38
C VAL A 1364 21.42 7.97 -6.92
N LYS A 1365 21.55 8.97 -6.03
CA LYS A 1365 21.63 10.35 -6.48
C LYS A 1365 22.81 10.55 -7.41
N GLU A 1366 23.95 9.92 -7.09
CA GLU A 1366 25.12 10.05 -7.95
C GLU A 1366 24.89 9.41 -9.31
N LYS A 1367 24.20 8.28 -9.36
CA LYS A 1367 23.93 7.65 -10.66
C LYS A 1367 22.97 8.48 -11.50
N ASN A 1368 21.94 9.07 -10.88
CA ASN A 1368 21.06 9.96 -11.62
C ASN A 1368 21.82 11.18 -12.13
N GLN A 1369 22.71 11.72 -11.29
CA GLN A 1369 23.54 12.84 -11.72
C GLN A 1369 24.41 12.44 -12.89
N LEU A 1370 24.95 11.21 -12.86
CA LEU A 1370 25.77 10.75 -13.97
C LEU A 1370 24.97 10.65 -15.26
N THR A 1371 23.73 10.18 -15.17
CA THR A 1371 22.89 10.12 -16.36
C THR A 1371 22.65 11.51 -16.93
N VAL A 1372 22.23 12.44 -16.08
CA VAL A 1372 21.98 13.80 -16.56
C VAL A 1372 23.26 14.42 -17.11
N LEU A 1373 24.40 14.13 -16.48
CA LEU A 1373 25.67 14.68 -16.93
C LEU A 1373 26.09 14.09 -18.27
N GLU A 1374 25.84 12.81 -18.49
CA GLU A 1374 26.11 12.21 -19.79
C GLU A 1374 25.29 12.89 -20.87
N LEU A 1375 24.00 13.11 -20.61
CA LEU A 1375 23.18 13.83 -21.58
C LEU A 1375 23.70 15.23 -21.82
N ALA A 1376 24.09 15.94 -20.75
CA ALA A 1376 24.59 17.30 -20.90
C ALA A 1376 25.89 17.33 -21.70
N ASN A 1377 26.77 16.36 -21.46
CA ASN A 1377 28.00 16.27 -22.23
C ASN A 1377 27.71 16.04 -23.70
N GLU A 1378 26.78 15.14 -24.01
CA GLU A 1378 26.43 14.89 -25.40
C GLU A 1378 25.85 16.14 -26.05
N MET A 1379 24.99 16.86 -25.33
CA MET A 1379 24.42 18.09 -25.87
C MET A 1379 25.50 19.14 -26.11
N LEU A 1380 26.46 19.24 -25.19
CA LEU A 1380 27.54 20.21 -25.36
C LEU A 1380 28.44 19.84 -26.55
N GLU A 1381 28.74 18.56 -26.72
CA GLU A 1381 29.57 18.14 -27.84
C GLU A 1381 28.96 18.53 -29.18
N ARG A 1382 27.64 18.70 -29.23
CA ARG A 1382 26.94 18.95 -30.48
C ARG A 1382 26.74 20.44 -30.76
N GLY A 1383 27.30 21.31 -29.94
CA GLY A 1383 27.29 22.74 -30.19
C GLY A 1383 26.30 23.53 -29.36
N PHE A 1384 25.37 22.86 -28.68
CA PHE A 1384 24.45 23.55 -27.78
C PHE A 1384 25.07 23.68 -26.39
N LYS A 1385 24.55 24.64 -25.63
CA LYS A 1385 25.10 24.95 -24.32
C LYS A 1385 23.99 25.34 -23.37
N PHE A 1386 24.26 25.20 -22.07
CA PHE A 1386 23.25 25.57 -21.04
C PHE A 1386 23.59 26.97 -20.49
N GLY A 1387 22.61 27.62 -19.85
CA GLY A 1387 22.84 28.97 -19.30
C GLY A 1387 22.29 29.09 -17.89
N MET A 1388 22.94 29.90 -17.04
CA MET A 1388 22.46 30.12 -15.65
C MET A 1388 21.02 30.65 -15.70
N ILE A 1389 20.28 30.53 -14.59
CA ILE A 1389 18.85 30.95 -14.58
C ILE A 1389 18.77 32.46 -14.77
N ASP A 1390 17.64 32.95 -15.31
CA ASP A 1390 17.44 34.41 -15.53
C ASP A 1390 16.12 34.74 -14.84
N LEU A 1391 16.10 35.75 -13.98
CA LEU A 1391 14.87 36.01 -13.19
C LEU A 1391 13.71 36.42 -14.12
N TYR A 1392 14.00 36.90 -15.33
CA TYR A 1392 12.91 37.39 -16.22
C TYR A 1392 12.79 36.48 -17.44
N LYS A 1393 13.46 35.34 -17.42
CA LYS A 1393 13.42 34.39 -18.58
C LYS A 1393 13.17 32.96 -18.08
N SER A 1394 13.90 32.53 -17.05
CA SER A 1394 13.75 31.13 -16.67
C SER A 1394 12.31 30.81 -16.29
N ASP A 1395 11.90 29.59 -16.61
CA ASP A 1395 10.60 29.07 -16.22
C ASP A 1395 10.69 28.45 -14.83
N ALA A 1396 9.55 28.02 -14.31
CA ALA A 1396 9.53 27.37 -13.00
C ALA A 1396 10.12 25.96 -13.08
N VAL A 1397 9.74 25.18 -14.09
CA VAL A 1397 10.15 23.80 -14.17
C VAL A 1397 10.75 23.41 -15.53
N ASN A 1398 10.51 24.17 -16.59
CA ASN A 1398 10.94 23.79 -17.93
C ASN A 1398 12.16 24.58 -18.36
N PHE A 1399 13.09 23.92 -19.02
CA PHE A 1399 14.18 24.62 -19.69
C PHE A 1399 13.63 25.45 -20.83
N VAL A 1400 14.21 26.62 -21.03
CA VAL A 1400 13.78 27.49 -22.12
C VAL A 1400 14.79 27.35 -23.26
N ILE A 1401 14.30 27.52 -24.49
CA ILE A 1401 15.17 27.48 -25.66
C ILE A 1401 15.38 28.92 -26.12
N GLU A 1402 16.64 29.34 -26.20
CA GLU A 1402 17.01 30.64 -26.74
C GLU A 1402 18.19 30.44 -27.67
N GLY A 1403 17.98 30.66 -28.96
CA GLY A 1403 19.01 30.30 -29.92
C GLY A 1403 19.31 28.82 -29.83
N ASP A 1404 20.60 28.49 -29.71
CA ASP A 1404 21.02 27.13 -29.45
C ASP A 1404 21.45 26.93 -28.00
N THR A 1405 20.80 27.63 -27.08
CA THR A 1405 21.11 27.56 -25.66
C THR A 1405 19.86 27.17 -24.87
N LEU A 1406 20.08 26.42 -23.80
CA LEU A 1406 19.03 25.98 -22.89
C LEU A 1406 19.15 26.79 -21.60
N ILE A 1407 18.17 27.62 -21.33
CA ILE A 1407 18.13 28.38 -20.08
C ILE A 1407 17.53 27.50 -19.00
N ALA A 1408 18.30 27.27 -17.93
CA ALA A 1408 17.89 26.32 -16.92
C ALA A 1408 16.76 26.89 -16.05
N PRO A 1409 15.84 26.06 -15.59
CA PRO A 1409 14.76 26.55 -14.74
C PRO A 1409 15.22 26.79 -13.32
N PHE A 1410 14.33 27.40 -12.53
CA PHE A 1410 14.64 27.66 -11.13
C PHE A 1410 14.83 26.37 -10.37
N ARG A 1411 13.99 25.36 -10.64
CA ARG A 1411 14.11 24.09 -9.94
C ARG A 1411 15.47 23.44 -10.15
N ALA A 1412 16.15 23.82 -11.24
CA ALA A 1412 17.51 23.28 -11.51
C ALA A 1412 18.48 23.79 -10.42
N VAL A 1413 18.37 24.99 -9.97
CA VAL A 1413 19.30 25.55 -8.94
C VAL A 1413 19.16 24.71 -7.67
N PRO A 1414 20.27 24.21 -7.10
CA PRO A 1414 20.25 23.31 -5.95
C PRO A 1414 19.41 23.84 -4.78
N SER A 1415 18.29 23.18 -4.46
CA SER A 1415 17.47 23.56 -3.28
C SER A 1415 16.61 24.81 -3.54
N LEU A 1416 16.46 25.36 -4.71
CA LEU A 1416 15.53 26.51 -4.94
C LEU A 1416 14.08 26.11 -4.75
N GLY A 1417 13.82 24.83 -4.53
CA GLY A 1417 12.44 24.40 -4.20
C GLY A 1417 11.50 24.61 -5.37
N THR A 1418 10.27 24.11 -5.29
CA THR A 1418 9.34 24.21 -6.44
C THR A 1418 8.25 25.24 -6.14
N ASN A 1419 7.71 25.22 -4.91
CA ASN A 1419 6.63 26.17 -4.52
C ASN A 1419 7.24 27.57 -4.61
N VAL A 1420 8.41 27.77 -3.99
CA VAL A 1420 9.11 29.09 -4.05
C VAL A 1420 9.52 29.34 -5.51
N ALA A 1421 9.74 28.28 -6.29
CA ALA A 1421 10.05 28.46 -7.72
C ALA A 1421 8.88 29.17 -8.40
N LYS A 1422 7.68 28.59 -8.29
CA LYS A 1422 6.47 29.23 -8.88
C LYS A 1422 6.33 30.62 -8.27
N GLN A 1423 6.68 30.77 -6.99
CA GLN A 1423 6.61 32.09 -6.32
C GLN A 1423 7.41 33.09 -7.14
N ILE A 1424 8.69 32.80 -7.41
CA ILE A 1424 9.47 33.84 -8.13
C ILE A 1424 8.83 34.08 -9.48
N VAL A 1425 8.17 33.07 -10.05
CA VAL A 1425 7.43 33.29 -11.30
C VAL A 1425 6.25 34.22 -11.07
N GLU A 1426 5.49 33.99 -9.99
CA GLU A 1426 4.36 34.86 -9.68
C GLU A 1426 4.81 36.29 -9.42
N ALA A 1427 5.91 36.45 -8.69
CA ALA A 1427 6.40 37.78 -8.36
C ALA A 1427 6.84 38.54 -9.60
N ARG A 1428 7.53 37.87 -10.52
CA ARG A 1428 8.13 38.58 -11.64
C ARG A 1428 7.10 39.20 -12.57
N LYS A 1429 5.83 38.81 -12.45
CA LYS A 1429 4.78 39.46 -13.23
C LYS A 1429 4.24 40.68 -12.53
N ASP A 1430 4.30 40.73 -11.20
CA ASP A 1430 3.92 41.94 -10.47
C ASP A 1430 4.86 43.09 -10.82
N GLY A 1431 6.17 42.83 -10.76
CA GLY A 1431 7.16 43.84 -11.05
C GLY A 1431 8.56 43.27 -10.96
N LEU A 1434 13.82 44.45 -7.49
CA LEU A 1434 14.75 45.54 -7.23
C LEU A 1434 15.35 45.43 -5.83
N SER A 1435 16.60 45.87 -5.72
CA SER A 1435 17.37 45.95 -4.49
C SER A 1435 17.98 44.61 -4.07
N LYS A 1436 17.68 43.51 -4.78
CA LYS A 1436 18.23 42.21 -4.42
C LYS A 1436 17.66 41.72 -3.10
N GLU A 1437 16.98 42.61 -2.40
CA GLU A 1437 16.37 42.21 -1.11
C GLU A 1437 14.91 41.94 -1.42
N ASP A 1438 14.40 42.68 -2.39
CA ASP A 1438 12.98 42.52 -2.75
C ASP A 1438 12.77 41.08 -3.17
N LEU A 1439 13.77 40.52 -3.85
CA LEU A 1439 13.60 39.15 -4.39
C LEU A 1439 13.34 38.21 -3.22
N ALA A 1440 14.24 38.22 -2.27
CA ALA A 1440 14.13 37.24 -1.18
C ALA A 1440 12.81 37.52 -0.49
N THR A 1441 12.47 38.81 -0.38
CA THR A 1441 11.26 39.17 0.39
C THR A 1441 9.99 38.59 -0.24
N ARG A 1442 9.78 38.81 -1.53
CA ARG A 1442 8.47 38.38 -2.10
C ARG A 1442 8.54 36.89 -2.38
N GLY A 1443 9.54 36.50 -3.16
CA GLY A 1443 9.71 35.10 -3.56
C GLY A 1443 9.84 34.15 -2.40
N LYS A 1444 10.24 34.65 -1.24
CA LYS A 1444 10.50 33.71 -0.11
C LYS A 1444 11.80 32.95 -0.42
N VAL A 1445 12.72 33.62 -1.12
CA VAL A 1445 14.04 32.97 -1.41
C VAL A 1445 14.87 32.91 -0.12
N SER A 1446 15.31 31.71 0.27
CA SER A 1446 16.17 31.57 1.48
C SER A 1446 17.53 32.19 1.21
N LYS A 1447 18.05 32.96 2.17
CA LYS A 1447 19.34 33.67 1.92
C LYS A 1447 20.28 32.73 1.18
N THR A 1448 20.46 31.52 1.70
CA THR A 1448 21.43 30.57 1.07
C THR A 1448 21.25 30.55 -0.46
N LEU A 1449 20.02 30.39 -0.95
CA LEU A 1449 19.86 30.25 -2.43
C LEU A 1449 20.11 31.60 -3.11
N ILE A 1450 19.82 32.70 -2.41
CA ILE A 1450 20.14 34.04 -2.96
C ILE A 1450 21.67 34.09 -3.07
N GLU A 1451 22.36 33.56 -2.06
CA GLU A 1451 23.84 33.52 -2.11
C GLU A 1451 24.27 32.82 -3.40
N TYR A 1452 23.65 31.68 -3.73
CA TYR A 1452 23.95 30.94 -4.98
C TYR A 1452 23.71 31.84 -6.19
N MET A 1453 22.47 32.34 -6.33
CA MET A 1453 22.15 33.17 -7.53
C MET A 1453 23.15 34.31 -7.64
N ASN A 1454 23.74 34.70 -6.50
CA ASN A 1454 24.71 35.83 -6.48
C ASN A 1454 26.08 35.35 -6.95
N ASP A 1455 26.63 34.31 -6.33
CA ASP A 1455 27.97 33.94 -6.85
C ASP A 1455 27.87 33.52 -8.32
N ASN A 1456 26.80 32.82 -8.71
CA ASN A 1456 26.75 32.24 -10.07
C ASN A 1456 26.34 33.27 -11.12
N GLY A 1457 26.10 34.53 -10.74
CA GLY A 1457 25.81 35.59 -11.73
C GLY A 1457 24.33 35.88 -11.91
N VAL A 1458 23.46 35.10 -11.30
CA VAL A 1458 21.99 35.26 -11.55
C VAL A 1458 21.54 36.64 -11.08
N LEU A 1459 21.88 37.01 -9.85
CA LEU A 1459 21.37 38.28 -9.30
C LEU A 1459 22.31 39.40 -9.69
N LYS A 1460 23.40 39.07 -10.37
CA LYS A 1460 24.39 40.14 -10.64
C LYS A 1460 23.67 41.26 -11.37
N ASP A 1461 22.83 40.89 -12.32
CA ASP A 1461 22.04 41.91 -13.04
C ASP A 1461 21.58 42.93 -12.00
N LEU A 1462 21.00 42.46 -10.90
CA LEU A 1462 20.46 43.41 -9.94
C LEU A 1462 21.46 44.54 -9.73
N PRO A 1463 21.08 45.80 -9.94
CA PRO A 1463 22.03 46.90 -9.77
C PRO A 1463 22.18 47.39 -8.34
N ASP A 1464 21.36 46.90 -7.41
CA ASP A 1464 21.38 47.36 -6.02
C ASP A 1464 22.79 47.35 -5.45
#